data_1Z6B
#
_entry.id   1Z6B
#
_cell.length_a   90.604
_cell.length_b   127.490
_cell.length_c   173.673
_cell.angle_alpha   90.00
_cell.angle_beta   90.00
_cell.angle_gamma   90.00
#
_symmetry.space_group_name_H-M   'C 2 2 21'
#
loop_
_entity.id
_entity.type
_entity.pdbx_description
1 polymer 'fatty acid synthesis protein'
2 non-polymer 'CHLORIDE ION'
3 non-polymer 'CACODYLATE ION'
4 non-polymer 'SULFATE ION'
5 water water
#
_entity_poly.entity_id   1
_entity_poly.type   'polypeptide(L)'
_entity_poly.pdbx_seq_one_letter_code
;GSHMPNYDTSIDIEDIKKILPHRYPFLLVDKVIYMQPNKTIIGLKQVSTNEPFFNGHFPQKQIMPGVLQIEALAQLAGIL
CLKSDDSQKNNLFLFAGVDGVRWKKPVLPGDTLTMQANLISFKSSLGIAKLSGVGYVNGKVVINISEMTFALSK
;
_entity_poly.pdbx_strand_id   A,B,C,D,E,F
#
loop_
_chem_comp.id
_chem_comp.type
_chem_comp.name
_chem_comp.formula
CAC non-polymer 'CACODYLATE ION' 'C2 H6 As O2 -1'
CL non-polymer 'CHLORIDE ION' 'Cl -1'
SO4 non-polymer 'SULFATE ION' 'O4 S -2'
#
# COMPACT_ATOMS: atom_id res chain seq x y z
N ASP A 8 24.61 -25.92 -10.17
CA ASP A 8 23.25 -25.40 -9.94
C ASP A 8 23.11 -23.93 -10.27
N THR A 9 23.99 -23.11 -9.67
CA THR A 9 23.99 -21.62 -9.92
C THR A 9 22.68 -20.82 -9.70
N SER A 10 21.58 -21.49 -9.34
CA SER A 10 20.33 -20.78 -9.16
C SER A 10 20.37 -20.03 -7.81
N ILE A 11 19.58 -18.96 -7.68
CA ILE A 11 19.53 -18.16 -6.44
C ILE A 11 18.08 -17.84 -6.10
N ASP A 12 17.69 -18.12 -4.85
CA ASP A 12 16.31 -17.87 -4.40
C ASP A 12 16.15 -16.43 -3.91
N ILE A 13 14.92 -16.05 -3.59
CA ILE A 13 14.59 -14.68 -3.21
C ILE A 13 15.29 -14.20 -1.94
N GLU A 14 15.51 -15.09 -0.98
CA GLU A 14 16.14 -14.68 0.28
C GLU A 14 17.61 -14.31 0.07
N ASP A 15 18.25 -15.02 -0.85
CA ASP A 15 19.64 -14.81 -1.23
C ASP A 15 19.80 -13.66 -2.19
N ILE A 16 18.84 -13.47 -3.10
CA ILE A 16 18.76 -12.27 -3.93
C ILE A 16 18.71 -11.03 -3.04
N LYS A 17 17.94 -11.10 -1.97
CA LYS A 17 17.83 -9.99 -1.02
C LYS A 17 19.12 -9.69 -0.28
N LYS A 18 19.98 -10.69 -0.11
CA LYS A 18 21.27 -10.51 0.51
C LYS A 18 22.24 -9.86 -0.47
N ILE A 19 21.95 -9.99 -1.76
CA ILE A 19 22.78 -9.41 -2.81
C ILE A 19 22.31 -7.98 -3.13
N LEU A 20 21.01 -7.82 -3.38
CA LEU A 20 20.46 -6.51 -3.77
C LEU A 20 19.90 -5.72 -2.59
N PRO A 21 20.03 -4.40 -2.67
CA PRO A 21 19.42 -3.51 -1.68
C PRO A 21 17.90 -3.28 -1.88
N HIS A 22 17.40 -3.62 -3.07
CA HIS A 22 16.01 -3.33 -3.46
C HIS A 22 15.04 -4.15 -2.66
N ARG A 23 13.89 -3.56 -2.34
CA ARG A 23 12.88 -4.18 -1.50
C ARG A 23 11.51 -3.79 -2.03
N TYR A 24 10.44 -4.37 -1.49
CA TYR A 24 9.08 -4.03 -1.90
C TYR A 24 8.86 -2.52 -1.80
N PRO A 25 8.29 -1.87 -2.82
CA PRO A 25 7.63 -2.52 -3.95
C PRO A 25 8.50 -2.35 -5.19
N PHE A 26 9.80 -2.48 -5.04
CA PHE A 26 10.66 -2.23 -6.18
C PHE A 26 11.76 -3.28 -6.35
N LEU A 27 11.48 -4.49 -5.92
CA LEU A 27 12.32 -5.66 -6.21
C LEU A 27 11.59 -6.56 -7.25
N LEU A 28 12.22 -6.68 -8.41
CA LEU A 28 11.54 -7.22 -9.60
C LEU A 28 12.32 -8.40 -10.21
N VAL A 29 13.06 -9.10 -9.38
CA VAL A 29 13.68 -10.35 -9.75
C VAL A 29 13.18 -11.36 -8.72
N ASP A 30 12.44 -12.38 -9.19
CA ASP A 30 11.92 -13.41 -8.27
C ASP A 30 12.88 -14.60 -8.10
N LYS A 31 13.68 -14.90 -9.12
CA LYS A 31 14.55 -16.06 -9.10
C LYS A 31 15.65 -15.92 -10.13
N VAL A 32 16.87 -16.30 -9.76
CA VAL A 32 17.98 -16.46 -10.70
C VAL A 32 18.02 -17.95 -11.03
N ILE A 33 17.92 -18.29 -12.31
CA ILE A 33 17.96 -19.70 -12.69
C ILE A 33 19.35 -20.14 -13.12
N TYR A 34 20.15 -19.21 -13.61
CA TYR A 34 21.51 -19.50 -14.05
C TYR A 34 22.40 -18.26 -13.92
N MET A 35 23.66 -18.43 -13.55
CA MET A 35 24.62 -17.34 -13.53
C MET A 35 26.04 -17.84 -13.78
N GLN A 36 26.78 -17.12 -14.62
CA GLN A 36 28.19 -17.39 -14.82
C GLN A 36 28.95 -16.04 -14.60
N PRO A 37 29.59 -15.96 -13.41
CA PRO A 37 30.26 -14.73 -13.00
C PRO A 37 31.13 -14.11 -14.11
N ASN A 38 31.01 -12.79 -14.27
CA ASN A 38 31.70 -12.04 -15.31
C ASN A 38 31.23 -12.36 -16.74
N LYS A 39 30.15 -13.13 -16.89
CA LYS A 39 29.65 -13.45 -18.21
C LYS A 39 28.18 -13.08 -18.41
N THR A 40 27.30 -13.86 -17.80
CA THR A 40 25.89 -13.77 -18.08
C THR A 40 25.12 -14.29 -16.89
N ILE A 41 23.83 -13.96 -16.91
CA ILE A 41 22.88 -14.34 -15.86
C ILE A 41 21.50 -14.51 -16.49
N ILE A 42 20.74 -15.46 -15.97
CA ILE A 42 19.37 -15.70 -16.39
C ILE A 42 18.52 -15.82 -15.16
N GLY A 43 17.41 -15.09 -15.13
CA GLY A 43 16.45 -15.15 -14.04
C GLY A 43 15.05 -14.99 -14.55
N LEU A 44 14.11 -14.79 -13.63
CA LEU A 44 12.75 -14.49 -14.02
C LEU A 44 12.05 -13.58 -13.04
N LYS A 45 10.97 -12.98 -13.55
CA LYS A 45 10.04 -12.21 -12.74
C LYS A 45 8.66 -12.77 -13.04
N GLN A 46 7.94 -13.18 -11.99
CA GLN A 46 6.60 -13.72 -12.19
C GLN A 46 5.67 -12.52 -12.16
N VAL A 47 4.77 -12.47 -13.15
CA VAL A 47 3.88 -11.32 -13.34
C VAL A 47 2.44 -11.65 -12.89
N SER A 48 2.02 -11.01 -11.80
CA SER A 48 0.74 -11.31 -11.16
C SER A 48 -0.20 -10.12 -11.14
N THR A 49 -1.52 -10.34 -11.25
CA THR A 49 -2.46 -9.24 -11.04
C THR A 49 -2.31 -8.64 -9.65
N ASN A 50 -1.80 -9.44 -8.70
CA ASN A 50 -1.65 -9.01 -7.32
C ASN A 50 -0.38 -8.21 -7.03
N GLU A 51 0.01 -7.35 -7.96
CA GLU A 51 1.20 -6.47 -7.81
C GLU A 51 0.72 -5.02 -7.78
N PRO A 52 1.29 -4.19 -6.89
CA PRO A 52 0.72 -2.87 -6.63
C PRO A 52 0.58 -1.93 -7.84
N PHE A 53 1.46 -2.07 -8.82
CA PHE A 53 1.47 -1.13 -9.96
C PHE A 53 0.30 -1.36 -10.90
N PHE A 54 -0.31 -2.56 -10.88
CA PHE A 54 -1.29 -2.93 -11.89
C PHE A 54 -2.58 -2.08 -11.79
N ASN A 55 -2.90 -1.58 -10.60
CA ASN A 55 -4.10 -0.76 -10.42
C ASN A 55 -3.95 0.60 -11.20
N GLY A 56 -2.72 1.07 -11.31
CA GLY A 56 -2.39 2.32 -12.02
C GLY A 56 -2.01 2.20 -13.49
N HIS A 57 -1.86 0.98 -13.99
CA HIS A 57 -1.32 0.79 -15.32
C HIS A 57 -1.88 -0.47 -16.00
N PHE A 58 -3.15 -0.48 -16.41
CA PHE A 58 -4.11 0.58 -16.28
C PHE A 58 -5.39 -0.01 -15.71
N PRO A 59 -6.24 0.81 -15.09
CA PRO A 59 -7.54 0.34 -14.58
C PRO A 59 -8.32 -0.56 -15.51
N GLN A 60 -8.44 -0.17 -16.78
CA GLN A 60 -9.20 -0.95 -17.74
C GLN A 60 -8.40 -2.02 -18.44
N LYS A 61 -7.08 -2.03 -18.31
CA LYS A 61 -6.23 -3.01 -19.02
C LYS A 61 -4.86 -3.12 -18.35
N GLN A 62 -4.60 -4.26 -17.72
CA GLN A 62 -3.37 -4.51 -16.96
C GLN A 62 -2.24 -4.97 -17.88
N ILE A 63 -1.19 -4.16 -17.89
CA ILE A 63 -0.04 -4.28 -18.78
C ILE A 63 1.14 -3.90 -17.93
N MET A 64 2.10 -4.79 -17.79
CA MET A 64 3.28 -4.43 -17.00
C MET A 64 3.99 -3.28 -17.67
N PRO A 65 4.26 -2.18 -16.96
CA PRO A 65 4.96 -1.06 -17.56
C PRO A 65 6.28 -1.43 -18.18
N GLY A 66 6.54 -0.95 -19.39
CA GLY A 66 7.81 -1.18 -20.06
C GLY A 66 9.04 -0.74 -19.27
N VAL A 67 8.92 0.35 -18.52
CA VAL A 67 10.05 0.82 -17.70
C VAL A 67 10.35 -0.12 -16.52
N LEU A 68 9.35 -0.88 -16.06
CA LEU A 68 9.60 -1.89 -15.01
C LEU A 68 10.26 -3.15 -15.55
N GLN A 69 10.06 -3.42 -16.85
CA GLN A 69 10.76 -4.48 -17.55
C GLN A 69 12.23 -4.12 -17.73
N ILE A 70 12.54 -2.85 -17.96
CA ILE A 70 13.92 -2.36 -17.92
C ILE A 70 14.45 -2.53 -16.49
N GLU A 71 13.64 -2.21 -15.49
CA GLU A 71 14.10 -2.26 -14.12
C GLU A 71 14.42 -3.70 -13.68
N ALA A 72 13.61 -4.66 -14.08
CA ALA A 72 13.84 -6.06 -13.73
C ALA A 72 15.13 -6.62 -14.40
N LEU A 73 15.36 -6.25 -15.66
CA LEU A 73 16.60 -6.53 -16.36
C LEU A 73 17.82 -5.86 -15.74
N ALA A 74 17.63 -4.65 -15.24
CA ALA A 74 18.68 -3.90 -14.56
C ALA A 74 19.10 -4.55 -13.26
N GLN A 75 18.09 -5.03 -12.51
CA GLN A 75 18.32 -5.63 -11.22
C GLN A 75 19.02 -7.01 -11.35
N LEU A 76 18.53 -7.84 -12.26
CA LEU A 76 19.22 -9.07 -12.66
C LEU A 76 20.67 -8.81 -13.08
N ALA A 77 20.85 -7.79 -13.89
CA ALA A 77 22.18 -7.37 -14.33
C ALA A 77 23.09 -6.98 -13.14
N GLY A 78 22.50 -6.29 -12.16
CA GLY A 78 23.22 -5.87 -10.95
C GLY A 78 23.61 -7.00 -10.02
N ILE A 79 22.82 -8.08 -10.02
CA ILE A 79 23.19 -9.31 -9.30
C ILE A 79 24.49 -9.88 -9.86
N LEU A 80 24.54 -10.04 -11.19
CA LEU A 80 25.72 -10.50 -11.89
C LEU A 80 26.95 -9.63 -11.58
N CYS A 81 26.80 -8.30 -11.57
CA CYS A 81 27.93 -7.40 -11.29
C CYS A 81 28.45 -7.55 -9.87
N LEU A 82 27.53 -7.60 -8.91
CA LEU A 82 27.92 -7.72 -7.51
C LEU A 82 28.57 -9.08 -7.20
N LYS A 83 28.06 -10.14 -7.81
CA LYS A 83 28.63 -11.51 -7.69
C LYS A 83 29.89 -11.74 -8.54
N SER A 84 30.15 -10.80 -9.44
CA SER A 84 31.38 -10.80 -10.21
C SER A 84 32.46 -9.94 -9.53
N ASP A 85 32.05 -8.92 -8.76
CA ASP A 85 33.01 -8.08 -8.03
C ASP A 85 32.33 -7.39 -6.84
N ASN A 90 29.70 -1.67 -1.58
CA ASN A 90 28.70 -0.87 -2.25
C ASN A 90 27.80 -1.71 -3.15
N ASN A 91 26.61 -2.05 -2.66
CA ASN A 91 25.60 -2.74 -3.49
C ASN A 91 24.60 -1.79 -4.15
N LEU A 92 24.80 -0.48 -3.94
CA LEU A 92 23.95 0.55 -4.56
C LEU A 92 24.52 0.94 -5.92
N PHE A 93 23.88 0.42 -6.97
CA PHE A 93 24.23 0.76 -8.32
C PHE A 93 23.06 1.60 -8.85
N LEU A 94 23.38 2.71 -9.49
CA LEU A 94 22.38 3.54 -10.05
C LEU A 94 22.40 3.41 -11.56
N PHE A 95 21.22 3.55 -12.17
CA PHE A 95 21.15 3.69 -13.62
C PHE A 95 21.85 4.98 -14.06
N ALA A 96 22.89 4.85 -14.91
CA ALA A 96 23.60 6.00 -15.48
C ALA A 96 23.18 6.27 -16.94
N GLY A 97 22.84 5.21 -17.67
CA GLY A 97 22.36 5.34 -19.04
C GLY A 97 21.71 4.07 -19.51
N VAL A 98 20.88 4.20 -20.54
CA VAL A 98 20.29 3.05 -21.23
C VAL A 98 20.05 3.43 -22.70
N ASP A 99 20.43 2.54 -23.61
CA ASP A 99 20.26 2.74 -25.02
C ASP A 99 19.55 1.56 -25.67
N GLY A 100 18.81 1.89 -26.73
CA GLY A 100 18.29 0.89 -27.62
C GLY A 100 17.34 -0.04 -26.92
N VAL A 101 16.39 0.52 -26.19
CA VAL A 101 15.30 -0.28 -25.64
C VAL A 101 14.19 -0.35 -26.68
N ARG A 102 13.81 -1.57 -27.02
CA ARG A 102 12.66 -1.86 -27.85
C ARG A 102 11.72 -2.80 -27.12
N TRP A 103 10.47 -2.39 -26.98
CA TRP A 103 9.45 -3.23 -26.41
C TRP A 103 8.68 -3.88 -27.55
N LYS A 104 8.60 -5.21 -27.56
CA LYS A 104 8.04 -5.93 -28.68
C LYS A 104 6.57 -6.29 -28.48
N LYS A 105 6.17 -6.55 -27.25
CA LYS A 105 4.84 -7.06 -26.98
C LYS A 105 4.50 -6.84 -25.52
N PRO A 106 3.22 -6.60 -25.20
CA PRO A 106 2.84 -6.33 -23.83
C PRO A 106 3.11 -7.52 -22.92
N VAL A 107 3.54 -7.25 -21.69
CA VAL A 107 3.65 -8.26 -20.65
C VAL A 107 2.42 -8.12 -19.72
N LEU A 108 1.77 -9.25 -19.46
CA LEU A 108 0.47 -9.31 -18.81
C LEU A 108 0.45 -10.18 -17.55
N PRO A 109 -0.46 -9.90 -16.61
CA PRO A 109 -0.70 -10.82 -15.49
C PRO A 109 -0.86 -12.24 -15.99
N GLY A 110 -0.22 -13.19 -15.30
CA GLY A 110 -0.21 -14.60 -15.72
C GLY A 110 1.06 -15.03 -16.45
N ASP A 111 1.85 -14.06 -16.92
CA ASP A 111 3.08 -14.33 -17.63
C ASP A 111 4.23 -14.58 -16.67
N THR A 112 5.22 -15.32 -17.17
CA THR A 112 6.53 -15.42 -16.55
C THR A 112 7.46 -14.62 -17.45
N LEU A 113 8.09 -13.60 -16.89
CA LEU A 113 9.07 -12.85 -17.61
C LEU A 113 10.42 -13.49 -17.37
N THR A 114 10.93 -14.21 -18.35
CA THR A 114 12.29 -14.74 -18.29
C THR A 114 13.28 -13.70 -18.81
N MET A 115 14.41 -13.53 -18.15
CA MET A 115 15.35 -12.48 -18.50
C MET A 115 16.79 -12.95 -18.52
N GLN A 116 17.55 -12.48 -19.51
CA GLN A 116 19.01 -12.71 -19.57
C GLN A 116 19.73 -11.40 -19.75
N ALA A 117 20.77 -11.20 -18.95
CA ALA A 117 21.64 -10.04 -19.07
C ALA A 117 23.04 -10.58 -19.28
N ASN A 118 23.77 -9.97 -20.21
CA ASN A 118 25.10 -10.37 -20.60
C ASN A 118 26.02 -9.21 -20.31
N LEU A 119 27.16 -9.47 -19.66
CA LEU A 119 28.09 -8.41 -19.27
C LEU A 119 28.93 -7.96 -20.45
N ILE A 120 28.97 -6.65 -20.68
CA ILE A 120 29.78 -6.06 -21.76
C ILE A 120 31.12 -5.64 -21.19
N SER A 121 31.10 -4.89 -20.10
CA SER A 121 32.33 -4.43 -19.46
C SER A 121 32.01 -4.10 -18.01
N PHE A 122 33.00 -4.22 -17.14
CA PHE A 122 32.86 -3.84 -15.73
C PHE A 122 34.20 -3.28 -15.29
N LYS A 123 34.18 -2.02 -14.83
CA LYS A 123 35.39 -1.35 -14.40
C LYS A 123 35.40 -1.22 -12.89
N SER A 124 36.08 -2.18 -12.26
CA SER A 124 36.58 -2.06 -10.89
C SER A 124 36.94 -0.59 -10.58
N SER A 125 38.03 -0.12 -11.19
CA SER A 125 38.50 1.26 -11.01
C SER A 125 37.35 2.27 -10.85
N LEU A 126 36.48 2.35 -11.86
CA LEU A 126 35.56 3.48 -11.99
C LEU A 126 34.15 3.22 -11.48
N GLY A 127 33.82 1.96 -11.20
CA GLY A 127 32.49 1.62 -10.71
C GLY A 127 31.46 1.77 -11.80
N ILE A 128 31.82 1.40 -13.02
CA ILE A 128 30.93 1.48 -14.17
C ILE A 128 30.83 0.08 -14.76
N ALA A 129 29.61 -0.32 -15.12
CA ALA A 129 29.34 -1.62 -15.72
C ALA A 129 28.37 -1.41 -16.86
N LYS A 130 28.54 -2.20 -17.93
CA LYS A 130 27.63 -2.15 -19.06
C LYS A 130 27.23 -3.56 -19.39
N LEU A 131 25.93 -3.72 -19.68
CA LEU A 131 25.35 -5.01 -19.99
C LEU A 131 24.25 -4.86 -21.01
N SER A 132 24.00 -5.90 -21.79
CA SER A 132 22.85 -5.99 -22.64
C SER A 132 21.80 -6.85 -21.94
N GLY A 133 20.57 -6.79 -22.44
CA GLY A 133 19.47 -7.51 -21.81
C GLY A 133 18.40 -7.86 -22.81
N VAL A 134 17.75 -8.99 -22.58
CA VAL A 134 16.64 -9.45 -23.38
C VAL A 134 15.67 -10.14 -22.42
N GLY A 135 14.38 -9.88 -22.60
CA GLY A 135 13.31 -10.47 -21.81
C GLY A 135 12.40 -11.27 -22.71
N TYR A 136 11.97 -12.42 -22.21
CA TYR A 136 11.15 -13.33 -23.00
C TYR A 136 9.90 -13.69 -22.21
N VAL A 137 8.86 -13.97 -22.97
CA VAL A 137 7.66 -14.61 -22.44
C VAL A 137 7.34 -15.75 -23.41
N ASN A 138 7.15 -16.94 -22.85
CA ASN A 138 6.82 -18.08 -23.67
C ASN A 138 7.85 -18.29 -24.81
N GLY A 139 9.11 -17.97 -24.52
CA GLY A 139 10.21 -18.22 -25.47
C GLY A 139 10.38 -17.14 -26.52
N LYS A 140 9.54 -16.11 -26.45
CA LYS A 140 9.54 -15.06 -27.46
C LYS A 140 9.97 -13.75 -26.85
N VAL A 141 10.73 -12.96 -27.62
CA VAL A 141 11.27 -11.69 -27.12
C VAL A 141 10.13 -10.68 -26.90
N VAL A 142 10.06 -10.12 -25.70
CA VAL A 142 9.15 -9.02 -25.40
C VAL A 142 9.90 -7.70 -25.18
N ILE A 143 11.19 -7.77 -24.84
CA ILE A 143 12.01 -6.58 -24.68
C ILE A 143 13.47 -6.87 -25.06
N ASN A 144 14.09 -5.91 -25.77
CA ASN A 144 15.53 -5.84 -25.99
C ASN A 144 16.13 -4.56 -25.44
N ILE A 145 17.30 -4.67 -24.83
CA ILE A 145 18.05 -3.49 -24.37
C ILE A 145 19.48 -3.62 -24.86
N SER A 146 19.92 -2.71 -25.74
CA SER A 146 21.26 -2.79 -26.31
C SER A 146 22.29 -2.64 -25.24
N GLU A 147 22.12 -1.63 -24.40
CA GLU A 147 23.13 -1.36 -23.40
C GLU A 147 22.58 -0.63 -22.20
N MET A 148 22.69 -1.27 -21.03
CA MET A 148 22.40 -0.63 -19.76
C MET A 148 23.72 -0.30 -19.11
N THR A 149 23.86 0.94 -18.66
CA THR A 149 25.05 1.39 -17.94
C THR A 149 24.70 1.73 -16.52
N PHE A 150 25.54 1.26 -15.60
CA PHE A 150 25.34 1.47 -14.18
C PHE A 150 26.60 2.06 -13.58
N ALA A 151 26.41 3.07 -12.75
CA ALA A 151 27.46 3.59 -11.91
C ALA A 151 27.19 3.16 -10.47
N LEU A 152 28.26 2.87 -9.74
CA LEU A 152 28.19 2.48 -8.31
C LEU A 152 28.37 3.72 -7.42
N SER A 153 27.25 4.31 -7.00
CA SER A 153 27.22 5.62 -6.34
C SER A 153 27.96 5.68 -5.01
N THR B 9 -0.89 25.82 -22.89
CA THR B 9 -1.81 26.10 -21.77
C THR B 9 -1.24 25.40 -20.55
N SER B 10 -1.93 25.45 -19.41
CA SER B 10 -1.53 24.72 -18.20
C SER B 10 -2.62 23.73 -17.77
N ILE B 11 -2.25 22.62 -17.12
CA ILE B 11 -3.17 21.54 -16.81
C ILE B 11 -2.96 21.03 -15.38
N ASP B 12 -4.05 20.99 -14.62
CA ASP B 12 -4.05 20.50 -13.24
C ASP B 12 -4.31 18.98 -13.23
N ILE B 13 -4.25 18.35 -12.06
CA ILE B 13 -4.21 16.87 -11.98
C ILE B 13 -5.49 16.22 -12.43
N GLU B 14 -6.62 16.86 -12.14
CA GLU B 14 -7.92 16.33 -12.51
C GLU B 14 -8.04 16.34 -14.04
N ASP B 15 -7.54 17.40 -14.68
CA ASP B 15 -7.54 17.45 -16.14
C ASP B 15 -6.48 16.54 -16.72
N ILE B 16 -5.34 16.41 -16.05
CA ILE B 16 -4.33 15.43 -16.47
C ILE B 16 -4.94 14.06 -16.51
N LYS B 17 -5.74 13.73 -15.50
CA LYS B 17 -6.38 12.41 -15.41
C LYS B 17 -7.47 12.21 -16.45
N LYS B 18 -7.97 13.28 -17.04
CA LYS B 18 -8.91 13.18 -18.14
C LYS B 18 -8.24 12.86 -19.49
N ILE B 19 -6.93 13.08 -19.56
CA ILE B 19 -6.13 12.84 -20.74
C ILE B 19 -5.46 11.48 -20.65
N LEU B 20 -4.76 11.23 -19.53
CA LEU B 20 -4.01 9.99 -19.34
C LEU B 20 -4.83 8.95 -18.59
N PRO B 21 -4.70 7.68 -18.96
CA PRO B 21 -5.40 6.60 -18.25
C PRO B 21 -4.68 6.14 -16.96
N HIS B 22 -3.43 6.61 -16.80
CA HIS B 22 -2.61 6.22 -15.67
C HIS B 22 -3.20 6.66 -14.35
N ARG B 23 -3.13 5.78 -13.35
CA ARG B 23 -3.66 6.07 -12.05
C ARG B 23 -2.63 5.70 -10.94
N TYR B 24 -2.95 5.94 -9.66
CA TYR B 24 -2.04 5.56 -8.56
C TYR B 24 -1.74 4.06 -8.67
N PRO B 25 -0.49 3.58 -8.48
CA PRO B 25 0.70 4.34 -8.08
C PRO B 25 1.59 4.61 -9.28
N PHE B 26 0.99 4.79 -10.44
CA PHE B 26 1.77 4.94 -11.67
C PHE B 26 1.43 6.17 -12.51
N LEU B 27 0.81 7.19 -11.88
CA LEU B 27 0.66 8.52 -12.48
C LEU B 27 1.76 9.44 -11.91
N LEU B 28 2.66 9.87 -12.80
CA LEU B 28 3.91 10.54 -12.43
C LEU B 28 4.07 11.94 -13.03
N VAL B 29 2.93 12.59 -13.31
CA VAL B 29 2.91 14.00 -13.70
C VAL B 29 1.93 14.66 -12.77
N ASP B 30 2.43 15.64 -12.02
CA ASP B 30 1.61 16.34 -11.03
C ASP B 30 0.97 17.63 -11.58
N LYS B 31 1.59 18.24 -12.61
CA LYS B 31 1.18 19.50 -13.16
C LYS B 31 1.77 19.68 -14.54
N VAL B 32 0.98 20.21 -15.47
CA VAL B 32 1.51 20.73 -16.76
C VAL B 32 1.59 22.25 -16.65
N ILE B 33 2.78 22.79 -16.82
CA ILE B 33 3.02 24.23 -16.70
C ILE B 33 2.68 24.96 -18.01
N TYR B 34 3.02 24.34 -19.13
CA TYR B 34 2.89 24.94 -20.45
C TYR B 34 2.84 23.85 -21.50
N MET B 35 1.99 24.05 -22.50
CA MET B 35 1.88 23.14 -23.62
C MET B 35 1.57 23.87 -24.92
N GLN B 36 2.43 23.69 -25.92
CA GLN B 36 2.17 24.16 -27.30
C GLN B 36 1.97 22.91 -28.16
N PRO B 37 0.74 22.65 -28.59
CA PRO B 37 0.45 21.48 -29.43
C PRO B 37 1.33 21.35 -30.66
N ASN B 38 1.61 20.10 -31.03
CA ASN B 38 2.55 19.75 -32.09
C ASN B 38 3.99 20.25 -31.84
N LYS B 39 4.30 20.73 -30.64
CA LYS B 39 5.63 21.31 -30.38
C LYS B 39 6.31 20.85 -29.08
N THR B 40 5.75 21.24 -27.95
CA THR B 40 6.45 21.11 -26.69
C THR B 40 5.48 21.15 -25.53
N ILE B 41 5.95 20.58 -24.42
CA ILE B 41 5.19 20.52 -23.17
C ILE B 41 6.19 20.60 -22.03
N ILE B 42 5.83 21.38 -21.01
CA ILE B 42 6.60 21.58 -19.79
C ILE B 42 5.67 21.22 -18.63
N GLY B 43 6.14 20.39 -17.72
CA GLY B 43 5.36 19.99 -16.56
C GLY B 43 6.27 19.68 -15.40
N LEU B 44 5.70 19.20 -14.30
CA LEU B 44 6.53 18.83 -13.16
C LEU B 44 5.95 17.67 -12.37
N LYS B 45 6.85 17.03 -11.63
CA LYS B 45 6.53 15.92 -10.73
C LYS B 45 7.19 16.32 -9.42
N GLN B 46 6.41 16.36 -8.34
CA GLN B 46 6.94 16.62 -7.01
C GLN B 46 7.38 15.30 -6.40
N VAL B 47 8.58 15.29 -5.80
CA VAL B 47 9.19 14.05 -5.24
C VAL B 47 9.15 14.11 -3.70
N SER B 48 8.37 13.23 -3.08
CA SER B 48 8.18 13.20 -1.65
C SER B 48 8.61 11.85 -1.11
N THR B 49 9.06 11.84 0.13
CA THR B 49 9.30 10.59 0.81
C THR B 49 8.02 9.73 0.90
N ASN B 50 6.86 10.38 0.90
CA ASN B 50 5.59 9.70 1.04
C ASN B 50 5.03 9.08 -0.24
N GLU B 51 5.90 8.61 -1.12
CA GLU B 51 5.55 7.83 -2.34
C GLU B 51 5.92 6.37 -2.15
N PRO B 52 5.07 5.44 -2.62
CA PRO B 52 5.23 4.02 -2.29
C PRO B 52 6.54 3.37 -2.71
N PHE B 53 7.20 3.88 -3.74
CA PHE B 53 8.36 3.21 -4.30
C PHE B 53 9.63 3.46 -3.46
N PHE B 54 9.64 4.54 -2.66
CA PHE B 54 10.83 4.88 -1.84
C PHE B 54 11.20 3.89 -0.75
N ASN B 55 10.22 3.19 -0.16
CA ASN B 55 10.55 2.11 0.79
C ASN B 55 11.46 1.03 0.13
N GLY B 56 11.39 0.89 -1.19
CA GLY B 56 12.04 -0.19 -1.90
C GLY B 56 13.31 0.21 -2.62
N HIS B 57 13.58 1.53 -2.67
CA HIS B 57 14.62 2.10 -3.52
C HIS B 57 15.20 3.35 -2.92
N PHE B 58 15.98 3.25 -1.85
CA PHE B 58 16.32 2.01 -1.15
C PHE B 58 16.06 2.20 0.32
N PRO B 59 15.88 1.11 1.06
CA PRO B 59 15.71 1.23 2.50
C PRO B 59 16.67 2.23 3.13
N GLN B 60 17.96 2.14 2.81
CA GLN B 60 18.94 3.01 3.49
C GLN B 60 19.32 4.29 2.75
N LYS B 61 18.78 4.50 1.55
CA LYS B 61 19.05 5.72 0.80
C LYS B 61 17.93 5.93 -0.20
N GLN B 62 17.09 6.95 0.04
CA GLN B 62 15.92 7.18 -0.83
C GLN B 62 16.34 7.93 -2.10
N ILE B 63 16.22 7.27 -3.24
CA ILE B 63 16.63 7.80 -4.54
C ILE B 63 15.55 7.46 -5.55
N MET B 64 15.02 8.46 -6.26
CA MET B 64 13.96 8.18 -7.22
C MET B 64 14.50 7.30 -8.33
N PRO B 65 13.92 6.13 -8.56
CA PRO B 65 14.44 5.25 -9.60
C PRO B 65 14.53 6.00 -10.91
N GLY B 66 15.68 5.91 -11.58
CA GLY B 66 15.82 6.41 -12.93
C GLY B 66 14.70 6.01 -13.88
N VAL B 67 14.25 4.76 -13.82
CA VAL B 67 13.25 4.29 -14.77
C VAL B 67 11.91 5.03 -14.61
N LEU B 68 11.64 5.53 -13.41
CA LEU B 68 10.42 6.29 -13.14
C LEU B 68 10.54 7.72 -13.63
N GLN B 69 11.77 8.20 -13.79
CA GLN B 69 12.01 9.49 -14.44
C GLN B 69 11.77 9.38 -15.94
N ILE B 70 12.17 8.26 -16.55
CA ILE B 70 11.79 7.99 -17.94
C ILE B 70 10.26 8.03 -18.05
N GLU B 71 9.60 7.34 -17.14
CA GLU B 71 8.16 7.20 -17.18
C GLU B 71 7.43 8.55 -17.02
N ALA B 72 7.94 9.41 -16.14
CA ALA B 72 7.33 10.69 -15.94
C ALA B 72 7.43 11.50 -17.26
N LEU B 73 8.63 11.53 -17.86
CA LEU B 73 8.83 12.21 -19.13
C LEU B 73 8.04 11.60 -20.28
N ALA B 74 7.84 10.28 -20.23
CA ALA B 74 7.04 9.57 -21.22
C ALA B 74 5.54 9.88 -21.09
N GLN B 75 5.07 9.95 -19.85
CA GLN B 75 3.69 10.36 -19.57
C GLN B 75 3.46 11.82 -20.01
N LEU B 76 4.39 12.71 -19.71
CA LEU B 76 4.32 14.08 -20.17
C LEU B 76 4.30 14.15 -21.71
N ALA B 77 5.16 13.39 -22.35
CA ALA B 77 5.16 13.27 -23.81
C ALA B 77 3.82 12.74 -24.31
N GLY B 78 3.25 11.76 -23.63
CA GLY B 78 1.94 11.21 -24.00
C GLY B 78 0.83 12.25 -24.08
N ILE B 79 0.87 13.22 -23.17
CA ILE B 79 -0.13 14.31 -23.11
C ILE B 79 -0.02 15.21 -24.32
N LEU B 80 1.20 15.62 -24.64
CA LEU B 80 1.47 16.43 -25.81
C LEU B 80 1.01 15.72 -27.10
N CYS B 81 1.20 14.40 -27.19
CA CYS B 81 0.74 13.64 -28.36
C CYS B 81 -0.78 13.62 -28.47
N LEU B 82 -1.44 13.33 -27.34
CA LEU B 82 -2.88 13.24 -27.32
C LEU B 82 -3.51 14.58 -27.66
N LYS B 83 -2.82 15.68 -27.30
CA LYS B 83 -3.30 17.06 -27.53
C LYS B 83 -2.72 17.71 -28.78
N SER B 84 -1.93 16.94 -29.52
CA SER B 84 -1.49 17.32 -30.86
C SER B 84 -2.38 16.64 -31.91
N ASP B 85 -3.33 15.80 -31.46
CA ASP B 85 -4.23 15.05 -32.34
C ASP B 85 -5.64 15.64 -32.32
N LEU B 94 1.58 2.09 -27.37
CA LEU B 94 2.23 2.29 -26.06
C LEU B 94 3.60 2.95 -26.27
N PHE B 95 4.40 2.87 -25.21
CA PHE B 95 5.81 3.19 -25.22
C PHE B 95 6.49 2.04 -25.99
N ALA B 96 6.96 2.33 -27.21
CA ALA B 96 7.52 1.32 -28.09
C ALA B 96 9.04 1.24 -28.02
N GLY B 97 9.69 2.33 -27.66
CA GLY B 97 11.14 2.38 -27.68
C GLY B 97 11.64 3.54 -26.88
N VAL B 98 12.88 3.47 -26.42
CA VAL B 98 13.55 4.62 -25.80
C VAL B 98 15.06 4.45 -26.01
N ASP B 99 15.75 5.56 -26.19
CA ASP B 99 17.13 5.54 -26.59
C ASP B 99 17.82 6.81 -26.11
N GLY B 100 19.09 6.67 -25.74
CA GLY B 100 19.88 7.83 -25.35
C GLY B 100 19.38 8.44 -24.06
N VAL B 101 19.08 7.60 -23.08
CA VAL B 101 18.78 8.07 -21.74
C VAL B 101 20.06 8.20 -20.96
N ARG B 102 20.30 9.38 -20.39
CA ARG B 102 21.44 9.67 -19.53
C ARG B 102 20.97 10.36 -18.26
N TRP B 103 21.23 9.73 -17.13
CA TRP B 103 20.92 10.29 -15.81
C TRP B 103 22.16 10.97 -15.27
N LYS B 104 22.02 12.20 -14.79
CA LYS B 104 23.18 13.01 -14.44
C LYS B 104 23.43 13.01 -12.94
N LYS B 105 22.37 12.97 -12.17
CA LYS B 105 22.47 13.16 -10.74
C LYS B 105 21.16 12.67 -10.12
N PRO B 106 21.23 12.16 -8.89
CA PRO B 106 20.06 11.57 -8.27
C PRO B 106 18.96 12.56 -7.94
N VAL B 107 17.72 12.12 -8.08
CA VAL B 107 16.58 12.90 -7.67
C VAL B 107 16.14 12.35 -6.30
N LEU B 108 16.02 13.25 -5.33
CA LEU B 108 15.77 12.90 -3.94
C LEU B 108 14.44 13.49 -3.38
N PRO B 109 13.85 12.87 -2.35
CA PRO B 109 12.74 13.47 -1.63
C PRO B 109 12.97 14.93 -1.40
N GLY B 110 11.94 15.74 -1.63
CA GLY B 110 12.09 17.17 -1.42
C GLY B 110 12.43 17.95 -2.67
N ASP B 111 12.77 17.25 -3.76
CA ASP B 111 13.04 17.89 -5.04
C ASP B 111 11.75 18.10 -5.87
N THR B 112 11.77 19.11 -6.71
CA THR B 112 10.80 19.21 -7.80
C THR B 112 11.48 18.78 -9.09
N LEU B 113 10.88 17.81 -9.76
CA LEU B 113 11.36 17.41 -11.06
C LEU B 113 10.57 18.15 -12.14
N THR B 114 11.22 19.13 -12.76
CA THR B 114 10.64 19.88 -13.87
C THR B 114 11.03 19.18 -15.17
N MET B 115 10.07 19.02 -16.07
CA MET B 115 10.28 18.23 -17.28
C MET B 115 9.82 18.96 -18.55
N GLN B 116 10.56 18.78 -19.64
CA GLN B 116 10.16 19.27 -20.95
C GLN B 116 10.34 18.18 -21.96
N ALA B 117 9.31 17.93 -22.76
CA ALA B 117 9.35 17.03 -23.91
C ALA B 117 9.04 17.79 -25.21
N ASN B 118 9.85 17.53 -26.23
CA ASN B 118 9.67 18.14 -27.56
C ASN B 118 9.32 17.10 -28.58
N LEU B 119 8.32 17.41 -29.40
CA LEU B 119 7.95 16.52 -30.48
C LEU B 119 9.00 16.64 -31.59
N ILE B 120 9.53 15.50 -32.01
CA ILE B 120 10.47 15.46 -33.11
C ILE B 120 9.73 15.04 -34.39
N SER B 121 8.97 13.95 -34.33
CA SER B 121 8.23 13.45 -35.50
C SER B 121 6.86 12.90 -35.10
N PHE B 122 5.94 12.96 -36.06
CA PHE B 122 4.63 12.32 -35.99
C PHE B 122 4.41 11.82 -37.43
N LYS B 123 4.56 10.52 -37.64
CA LYS B 123 4.53 9.92 -38.99
C LYS B 123 3.63 8.68 -39.04
N GLY B 127 2.40 5.41 -38.30
CA GLY B 127 1.66 5.89 -37.13
C GLY B 127 2.49 6.09 -35.88
N ILE B 128 3.67 6.71 -36.06
CA ILE B 128 4.69 6.76 -35.00
C ILE B 128 5.20 8.17 -34.66
N ALA B 129 5.23 8.41 -33.35
CA ALA B 129 5.62 9.68 -32.76
C ALA B 129 6.95 9.53 -32.02
N LYS B 130 7.85 10.50 -32.22
CA LYS B 130 9.15 10.49 -31.57
C LYS B 130 9.41 11.81 -30.85
N LEU B 131 9.75 11.72 -29.56
CA LEU B 131 10.01 12.90 -28.75
C LEU B 131 11.31 12.83 -27.96
N SER B 132 11.88 14.02 -27.81
CA SER B 132 13.02 14.31 -26.96
C SER B 132 12.49 14.63 -25.56
N GLY B 133 13.32 14.43 -24.52
CA GLY B 133 12.93 14.67 -23.12
C GLY B 133 14.06 15.19 -22.25
N VAL B 134 13.77 16.14 -21.36
CA VAL B 134 14.74 16.65 -20.36
C VAL B 134 14.10 16.88 -18.99
N GLY B 135 14.79 16.45 -17.93
CA GLY B 135 14.38 16.64 -16.55
C GLY B 135 15.37 17.51 -15.81
N TYR B 136 14.87 18.46 -15.03
CA TYR B 136 15.71 19.37 -14.23
C TYR B 136 15.30 19.37 -12.77
N VAL B 137 16.31 19.56 -11.92
CA VAL B 137 16.09 19.86 -10.51
C VAL B 137 16.88 21.13 -10.23
N ASN B 138 16.17 22.19 -9.86
CA ASN B 138 16.77 23.52 -9.64
C ASN B 138 17.62 24.00 -10.82
N GLY B 139 17.05 23.91 -12.02
CA GLY B 139 17.66 24.48 -13.20
C GLY B 139 18.71 23.60 -13.84
N LYS B 140 19.08 22.52 -13.17
CA LYS B 140 20.22 21.70 -13.59
C LYS B 140 19.70 20.37 -14.05
N VAL B 141 20.19 19.91 -15.19
CA VAL B 141 19.73 18.65 -15.77
C VAL B 141 20.01 17.45 -14.87
N VAL B 142 18.97 16.65 -14.65
CA VAL B 142 19.11 15.38 -13.92
C VAL B 142 18.92 14.16 -14.84
N ILE B 143 18.31 14.36 -16.01
CA ILE B 143 18.10 13.29 -16.99
C ILE B 143 17.90 13.86 -18.41
N ASN B 144 18.44 13.15 -19.39
CA ASN B 144 18.24 13.44 -20.81
C ASN B 144 17.73 12.21 -21.54
N ILE B 145 16.78 12.41 -22.45
CA ILE B 145 16.29 11.33 -23.32
C ILE B 145 16.28 11.84 -24.75
N SER B 146 17.10 11.23 -25.60
CA SER B 146 17.24 11.67 -26.98
C SER B 146 16.01 11.28 -27.74
N GLU B 147 15.47 10.11 -27.43
CA GLU B 147 14.35 9.60 -28.19
C GLU B 147 13.46 8.67 -27.38
N MET B 148 12.20 9.07 -27.26
CA MET B 148 11.13 8.22 -26.83
C MET B 148 10.28 7.96 -28.03
N THR B 149 9.91 6.70 -28.25
CA THR B 149 9.15 6.32 -29.42
C THR B 149 7.82 5.77 -28.95
N PHE B 150 6.76 6.24 -29.58
CA PHE B 150 5.40 5.84 -29.23
C PHE B 150 4.70 5.41 -30.51
N ALA B 151 3.72 4.54 -30.36
CA ALA B 151 2.81 4.18 -31.47
C ALA B 151 1.42 3.82 -30.94
N SER C 10 -3.71 -11.31 29.29
CA SER C 10 -3.83 -10.07 28.47
C SER C 10 -2.48 -9.72 27.84
N ILE C 11 -2.46 -9.65 26.52
CA ILE C 11 -1.25 -9.34 25.77
C ILE C 11 -1.59 -8.28 24.71
N ASP C 12 -0.77 -7.24 24.64
CA ASP C 12 -1.00 -6.14 23.72
C ASP C 12 -0.23 -6.36 22.41
N ILE C 13 -0.37 -5.43 21.46
CA ILE C 13 0.13 -5.67 20.12
C ILE C 13 1.66 -5.79 20.03
N GLU C 14 2.38 -4.97 20.81
CA GLU C 14 3.84 -4.95 20.80
C GLU C 14 4.37 -6.28 21.34
N ASP C 15 3.68 -6.81 22.35
CA ASP C 15 4.04 -8.10 22.97
C ASP C 15 3.68 -9.24 22.04
N ILE C 16 2.50 -9.15 21.41
CA ILE C 16 2.12 -10.12 20.40
C ILE C 16 3.18 -10.21 19.31
N LYS C 17 3.72 -9.06 18.93
CA LYS C 17 4.72 -8.99 17.90
C LYS C 17 6.03 -9.60 18.34
N LYS C 18 6.29 -9.65 19.64
CA LYS C 18 7.47 -10.37 20.13
C LYS C 18 7.29 -11.90 20.04
N ILE C 19 6.04 -12.38 20.08
CA ILE C 19 5.73 -13.80 19.96
C ILE C 19 5.62 -14.24 18.51
N LEU C 20 4.83 -13.51 17.69
CA LEU C 20 4.59 -13.90 16.30
C LEU C 20 5.53 -13.16 15.36
N PRO C 21 5.95 -13.85 14.29
CA PRO C 21 6.77 -13.25 13.25
C PRO C 21 5.95 -12.42 12.22
N HIS C 22 4.64 -12.59 12.22
CA HIS C 22 3.74 -11.95 11.26
C HIS C 22 3.76 -10.46 11.38
N ARG C 23 3.79 -9.79 10.23
CA ARG C 23 3.80 -8.31 10.20
C ARG C 23 2.75 -7.81 9.21
N TYR C 24 2.54 -6.51 9.13
CA TYR C 24 1.64 -5.93 8.09
C TYR C 24 1.99 -6.41 6.68
N PRO C 25 1.05 -6.91 5.87
CA PRO C 25 -0.39 -6.83 6.08
C PRO C 25 -1.00 -8.17 6.46
N PHE C 26 -0.33 -8.97 7.27
CA PHE C 26 -0.78 -10.32 7.59
C PHE C 26 -0.68 -10.67 9.07
N LEU C 27 -0.76 -9.65 9.92
CA LEU C 27 -0.92 -9.79 11.35
C LEU C 27 -2.36 -9.46 11.73
N LEU C 28 -3.06 -10.50 12.16
CA LEU C 28 -4.52 -10.48 12.32
C LEU C 28 -5.01 -10.79 13.74
N VAL C 29 -4.17 -10.52 14.74
CA VAL C 29 -4.60 -10.56 16.16
C VAL C 29 -4.23 -9.18 16.72
N ASP C 30 -5.22 -8.45 17.22
CA ASP C 30 -4.99 -7.12 17.74
C ASP C 30 -4.71 -7.15 19.24
N LYS C 31 -5.24 -8.17 19.92
CA LYS C 31 -5.13 -8.26 21.36
C LYS C 31 -5.45 -9.65 21.88
N VAL C 32 -4.65 -10.14 22.81
CA VAL C 32 -4.99 -11.38 23.54
C VAL C 32 -5.56 -10.94 24.89
N ILE C 33 -6.74 -11.41 25.26
CA ILE C 33 -7.35 -10.97 26.51
C ILE C 33 -7.24 -12.00 27.63
N TYR C 34 -7.07 -13.27 27.28
CA TYR C 34 -6.92 -14.35 28.26
C TYR C 34 -6.19 -15.51 27.65
N MET C 35 -5.39 -16.18 28.45
CA MET C 35 -4.64 -17.33 28.00
C MET C 35 -4.26 -18.21 29.18
N GLN C 36 -4.71 -19.47 29.15
CA GLN C 36 -4.19 -20.50 30.05
C GLN C 36 -3.28 -21.41 29.23
N PRO C 37 -1.97 -21.44 29.53
CA PRO C 37 -1.02 -22.29 28.80
C PRO C 37 -1.42 -23.75 28.73
N ASN C 38 -1.08 -24.37 27.60
CA ASN C 38 -1.44 -25.75 27.25
C ASN C 38 -2.95 -26.07 27.25
N LYS C 39 -3.78 -25.03 27.25
CA LYS C 39 -5.23 -25.21 27.27
C LYS C 39 -5.91 -24.35 26.20
N THR C 40 -6.03 -23.05 26.48
CA THR C 40 -6.85 -22.19 25.67
C THR C 40 -6.39 -20.74 25.69
N ILE C 41 -6.83 -20.02 24.66
CA ILE C 41 -6.50 -18.61 24.51
C ILE C 41 -7.71 -17.88 23.97
N ILE C 42 -7.90 -16.66 24.46
CA ILE C 42 -8.94 -15.77 23.93
C ILE C 42 -8.32 -14.43 23.51
N GLY C 43 -8.66 -14.00 22.30
CA GLY C 43 -8.17 -12.74 21.77
C GLY C 43 -9.15 -12.10 20.82
N LEU C 44 -8.73 -10.97 20.24
CA LEU C 44 -9.60 -10.29 19.31
C LEU C 44 -8.87 -9.62 18.16
N LYS C 45 -9.64 -9.37 17.10
CA LYS C 45 -9.23 -8.69 15.90
C LYS C 45 -10.35 -7.67 15.63
N GLN C 46 -9.99 -6.39 15.58
CA GLN C 46 -10.90 -5.32 15.21
C GLN C 46 -11.00 -5.20 13.67
N VAL C 47 -12.24 -5.19 13.16
CA VAL C 47 -12.53 -5.14 11.71
C VAL C 47 -12.90 -3.69 11.31
N SER C 48 -12.00 -3.09 10.57
CA SER C 48 -12.13 -1.72 10.12
C SER C 48 -12.17 -1.67 8.61
N THR C 49 -12.90 -0.70 8.07
CA THR C 49 -12.90 -0.43 6.63
C THR C 49 -11.49 -0.03 6.16
N ASN C 50 -10.71 0.56 7.09
CA ASN C 50 -9.33 1.01 6.78
C ASN C 50 -8.27 -0.12 6.81
N GLU C 51 -8.62 -1.29 6.30
CA GLU C 51 -7.73 -2.42 6.17
C GLU C 51 -7.60 -2.70 4.70
N PRO C 52 -6.38 -3.03 4.27
CA PRO C 52 -6.05 -3.05 2.84
C PRO C 52 -6.84 -4.05 2.00
N PHE C 53 -7.33 -5.14 2.61
CA PHE C 53 -7.97 -6.20 1.83
C PHE C 53 -9.38 -5.85 1.40
N PHE C 54 -10.00 -4.91 2.12
CA PHE C 54 -11.42 -4.57 1.90
C PHE C 54 -11.72 -3.94 0.54
N ASN C 55 -10.81 -3.14 -0.01
CA ASN C 55 -10.97 -2.67 -1.40
C ASN C 55 -11.14 -3.85 -2.42
N GLY C 56 -10.61 -5.03 -2.10
CA GLY C 56 -10.60 -6.14 -3.04
C GLY C 56 -11.66 -7.18 -2.77
N HIS C 57 -12.35 -7.02 -1.65
CA HIS C 57 -13.26 -8.04 -1.15
C HIS C 57 -14.43 -7.45 -0.35
N PHE C 58 -15.40 -6.80 -0.97
CA PHE C 58 -15.45 -6.54 -2.40
C PHE C 58 -15.72 -5.06 -2.58
N PRO C 59 -15.37 -4.51 -3.74
CA PRO C 59 -15.69 -3.11 -4.04
C PRO C 59 -17.09 -2.66 -3.65
N GLN C 60 -18.10 -3.41 -4.04
CA GLN C 60 -19.45 -2.98 -3.78
C GLN C 60 -20.05 -3.57 -2.51
N LYS C 61 -19.32 -4.45 -1.80
CA LYS C 61 -19.79 -4.91 -0.50
C LYS C 61 -18.61 -5.39 0.34
N GLN C 62 -18.28 -4.68 1.41
CA GLN C 62 -17.16 -5.05 2.29
C GLN C 62 -17.48 -6.19 3.27
N ILE C 63 -16.81 -7.33 3.04
CA ILE C 63 -16.95 -8.56 3.80
C ILE C 63 -15.55 -9.13 4.09
N MET C 64 -15.20 -9.31 5.35
CA MET C 64 -13.87 -9.84 5.67
C MET C 64 -13.72 -11.22 5.04
N PRO C 65 -12.67 -11.47 4.24
CA PRO C 65 -12.48 -12.80 3.67
C PRO C 65 -12.57 -13.91 4.74
N GLY C 66 -13.37 -14.92 4.47
CA GLY C 66 -13.45 -16.07 5.34
C GLY C 66 -12.12 -16.73 5.66
N VAL C 67 -11.22 -16.77 4.68
CA VAL C 67 -9.87 -17.35 4.86
C VAL C 67 -9.00 -16.50 5.77
N LEU C 68 -9.27 -15.19 5.86
CA LEU C 68 -8.56 -14.35 6.84
C LEU C 68 -9.08 -14.56 8.26
N GLN C 69 -10.30 -15.06 8.40
CA GLN C 69 -10.79 -15.46 9.71
C GLN C 69 -10.09 -16.75 10.16
N ILE C 70 -9.87 -17.70 9.24
CA ILE C 70 -9.05 -18.90 9.52
C ILE C 70 -7.69 -18.46 10.01
N GLU C 71 -7.12 -17.50 9.31
CA GLU C 71 -5.79 -17.03 9.58
C GLU C 71 -5.69 -16.34 10.91
N ALA C 72 -6.69 -15.55 11.28
CA ALA C 72 -6.66 -14.88 12.58
C ALA C 72 -6.68 -15.93 13.72
N LEU C 73 -7.50 -16.97 13.55
CA LEU C 73 -7.63 -18.03 14.51
C LEU C 73 -6.37 -18.87 14.56
N ALA C 74 -5.75 -19.09 13.42
CA ALA C 74 -4.47 -19.76 13.34
C ALA C 74 -3.35 -18.96 14.02
N GLN C 75 -3.35 -17.63 13.91
CA GLN C 75 -2.33 -16.84 14.62
C GLN C 75 -2.51 -16.90 16.14
N LEU C 76 -3.76 -16.75 16.57
CA LEU C 76 -4.11 -16.88 17.98
C LEU C 76 -3.69 -18.26 18.54
N ALA C 77 -3.96 -19.32 17.79
CA ALA C 77 -3.51 -20.66 18.14
C ALA C 77 -1.97 -20.69 18.25
N GLY C 78 -1.30 -20.12 17.27
CA GLY C 78 0.16 -19.98 17.29
C GLY C 78 0.70 -19.34 18.56
N ILE C 79 0.06 -18.27 19.03
CA ILE C 79 0.50 -17.57 20.24
C ILE C 79 0.51 -18.50 21.46
N LEU C 80 -0.54 -19.33 21.55
CA LEU C 80 -0.73 -20.27 22.64
C LEU C 80 0.32 -21.38 22.61
N CYS C 81 0.51 -21.98 21.44
CA CYS C 81 1.56 -22.96 21.20
C CYS C 81 2.94 -22.45 21.56
N LEU C 82 3.27 -21.26 21.08
CA LEU C 82 4.58 -20.65 21.33
C LEU C 82 4.77 -20.27 22.82
N LYS C 83 3.69 -19.87 23.49
CA LYS C 83 3.73 -19.68 24.96
C LYS C 83 3.43 -20.94 25.79
N SER C 84 3.12 -22.04 25.10
CA SER C 84 3.06 -23.37 25.72
C SER C 84 4.44 -24.06 25.67
N ASP C 85 5.42 -23.41 25.02
CA ASP C 85 6.80 -23.93 24.88
C ASP C 85 6.83 -25.31 24.23
N ASN C 91 9.61 -19.87 16.03
CA ASN C 91 8.26 -19.30 16.00
C ASN C 91 7.54 -19.35 14.64
N LEU C 92 8.20 -19.97 13.64
CA LEU C 92 7.55 -20.24 12.36
C LEU C 92 6.82 -21.59 12.49
N PHE C 93 5.49 -21.53 12.38
CA PHE C 93 4.61 -22.64 12.68
C PHE C 93 3.63 -22.77 11.51
N LEU C 94 4.08 -23.27 10.36
CA LEU C 94 3.23 -23.26 9.18
C LEU C 94 1.96 -24.09 9.34
N PHE C 95 0.93 -23.66 8.66
CA PHE C 95 -0.27 -24.43 8.52
C PHE C 95 0.13 -25.69 7.82
N ALA C 96 -0.21 -26.84 8.40
CA ALA C 96 -0.09 -28.11 7.70
C ALA C 96 -1.46 -28.63 7.24
N GLY C 97 -2.51 -28.20 7.92
CA GLY C 97 -3.82 -28.77 7.66
C GLY C 97 -4.89 -27.97 8.39
N VAL C 98 -6.07 -27.93 7.79
CA VAL C 98 -7.26 -27.46 8.47
C VAL C 98 -8.48 -28.22 7.96
N ASP C 99 -9.32 -28.67 8.88
CA ASP C 99 -10.52 -29.43 8.59
C ASP C 99 -11.69 -28.83 9.38
N GLY C 100 -12.91 -29.01 8.87
CA GLY C 100 -14.12 -28.61 9.60
C GLY C 100 -14.26 -27.12 9.82
N VAL C 101 -13.97 -26.35 8.77
CA VAL C 101 -14.20 -24.90 8.80
C VAL C 101 -15.62 -24.66 8.30
N ARG C 102 -16.43 -24.03 9.16
CA ARG C 102 -17.75 -23.53 8.77
C ARG C 102 -17.85 -22.05 9.12
N TRP C 103 -18.14 -21.25 8.11
CA TRP C 103 -18.49 -19.84 8.27
C TRP C 103 -20.00 -19.66 8.42
N LYS C 104 -20.42 -18.97 9.48
CA LYS C 104 -21.85 -18.88 9.81
C LYS C 104 -22.47 -17.51 9.53
N LYS C 105 -21.71 -16.43 9.66
CA LYS C 105 -22.28 -15.08 9.47
C LYS C 105 -21.17 -14.25 8.86
N PRO C 106 -21.51 -13.32 7.96
CA PRO C 106 -20.49 -12.44 7.41
C PRO C 106 -19.90 -11.51 8.45
N VAL C 107 -18.60 -11.31 8.39
CA VAL C 107 -17.93 -10.39 9.28
C VAL C 107 -17.68 -9.07 8.55
N LEU C 108 -18.09 -7.96 9.17
CA LEU C 108 -18.12 -6.69 8.47
C LEU C 108 -17.34 -5.59 9.17
N PRO C 109 -16.97 -4.55 8.42
CA PRO C 109 -16.38 -3.36 9.05
C PRO C 109 -17.21 -2.84 10.22
N GLY C 110 -16.51 -2.50 11.31
CA GLY C 110 -17.18 -2.10 12.54
C GLY C 110 -17.40 -3.21 13.54
N ASP C 111 -17.23 -4.47 13.13
CA ASP C 111 -17.27 -5.62 14.02
C ASP C 111 -15.99 -5.81 14.84
N THR C 112 -16.16 -6.36 16.04
CA THR C 112 -15.07 -6.95 16.82
C THR C 112 -15.18 -8.47 16.67
N LEU C 113 -14.11 -9.07 16.16
CA LEU C 113 -14.03 -10.52 16.01
C LEU C 113 -13.31 -11.07 17.23
N THR C 114 -14.10 -11.65 18.13
CA THR C 114 -13.60 -12.29 19.31
C THR C 114 -13.34 -13.74 18.98
N MET C 115 -12.23 -14.26 19.49
CA MET C 115 -11.76 -15.54 19.04
C MET C 115 -11.29 -16.36 20.20
N GLN C 116 -11.56 -17.66 20.11
CA GLN C 116 -11.03 -18.63 21.06
C GLN C 116 -10.41 -19.85 20.38
N ALA C 117 -9.20 -20.20 20.77
CA ALA C 117 -8.53 -21.41 20.28
C ALA C 117 -8.23 -22.31 21.47
N ASN C 118 -8.47 -23.61 21.29
CA ASN C 118 -8.27 -24.62 22.32
C ASN C 118 -7.26 -25.64 21.84
N LEU C 119 -6.25 -25.92 22.67
CA LEU C 119 -5.21 -26.87 22.30
C LEU C 119 -5.76 -28.28 22.42
N ILE C 120 -5.64 -29.07 21.35
CA ILE C 120 -6.04 -30.47 21.39
C ILE C 120 -4.83 -31.35 21.74
N SER C 121 -3.76 -31.21 20.98
CA SER C 121 -2.58 -32.06 21.15
C SER C 121 -1.33 -31.28 20.76
N PHE C 122 -0.31 -31.30 21.60
CA PHE C 122 1.03 -30.92 21.18
C PHE C 122 1.86 -32.20 21.13
N LYS C 123 2.53 -32.44 20.01
CA LYS C 123 3.46 -33.57 19.88
C LYS C 123 4.83 -32.94 19.80
N SER C 124 5.47 -32.83 20.95
CA SER C 124 6.77 -32.18 21.06
C SER C 124 7.81 -32.82 20.14
N SER C 125 7.93 -34.16 20.20
CA SER C 125 8.86 -34.90 19.35
C SER C 125 8.78 -34.56 17.85
N LEU C 126 7.55 -34.41 17.35
CA LEU C 126 7.27 -34.19 15.92
C LEU C 126 7.13 -32.74 15.52
N GLY C 127 6.78 -31.89 16.49
CA GLY C 127 6.52 -30.49 16.19
C GLY C 127 5.19 -30.33 15.48
N ILE C 128 4.18 -31.03 15.99
CA ILE C 128 2.82 -30.93 15.45
C ILE C 128 1.86 -30.60 16.58
N ALA C 129 1.14 -29.49 16.38
CA ALA C 129 0.10 -29.04 17.29
C ALA C 129 -1.21 -29.11 16.54
N LYS C 130 -2.27 -29.50 17.23
CA LYS C 130 -3.60 -29.48 16.67
C LYS C 130 -4.44 -28.67 17.60
N LEU C 131 -5.30 -27.82 17.02
CA LEU C 131 -6.17 -26.94 17.79
C LEU C 131 -7.51 -26.77 17.10
N SER C 132 -8.53 -26.50 17.90
CA SER C 132 -9.83 -26.11 17.39
C SER C 132 -10.01 -24.62 17.65
N GLY C 133 -10.99 -24.03 17.00
CA GLY C 133 -11.16 -22.59 17.05
C GLY C 133 -12.59 -22.17 16.84
N VAL C 134 -13.01 -21.12 17.54
CA VAL C 134 -14.31 -20.47 17.33
C VAL C 134 -14.09 -18.95 17.30
N GLY C 135 -14.73 -18.29 16.34
CA GLY C 135 -14.76 -16.83 16.29
C GLY C 135 -16.22 -16.36 16.44
N TYR C 136 -16.40 -15.26 17.19
CA TYR C 136 -17.73 -14.69 17.42
C TYR C 136 -17.80 -13.20 17.09
N VAL C 137 -19.03 -12.73 16.81
CA VAL C 137 -19.39 -11.30 16.82
C VAL C 137 -20.70 -11.11 17.58
N ASN C 138 -20.67 -10.13 18.49
CA ASN C 138 -21.78 -9.81 19.39
C ASN C 138 -22.26 -11.03 20.14
N GLY C 139 -21.29 -11.82 20.62
CA GLY C 139 -21.55 -13.02 21.38
C GLY C 139 -22.03 -14.18 20.53
N LYS C 140 -21.96 -14.06 19.21
CA LYS C 140 -22.53 -15.08 18.33
C LYS C 140 -21.51 -15.69 17.37
N VAL C 141 -21.57 -17.00 17.23
CA VAL C 141 -20.64 -17.71 16.35
C VAL C 141 -20.77 -17.22 14.87
N VAL C 142 -19.65 -16.77 14.31
CA VAL C 142 -19.48 -16.51 12.86
C VAL C 142 -18.54 -17.53 12.18
N ILE C 143 -17.71 -18.22 12.95
CA ILE C 143 -16.87 -19.27 12.37
C ILE C 143 -16.58 -20.39 13.35
N ASN C 144 -16.71 -21.63 12.88
CA ASN C 144 -16.16 -22.78 13.59
C ASN C 144 -15.04 -23.42 12.79
N ILE C 145 -13.99 -23.87 13.48
CA ILE C 145 -12.91 -24.69 12.91
C ILE C 145 -12.70 -25.86 13.84
N SER C 146 -12.92 -27.07 13.36
CA SER C 146 -12.74 -28.27 14.16
C SER C 146 -11.29 -28.58 14.45
N GLU C 147 -10.44 -28.43 13.44
CA GLU C 147 -9.06 -28.75 13.63
C GLU C 147 -8.12 -28.04 12.68
N MET C 148 -7.33 -27.15 13.26
CA MET C 148 -6.14 -26.60 12.62
C MET C 148 -4.93 -27.42 13.02
N THR C 149 -4.13 -27.82 12.06
CA THR C 149 -2.88 -28.54 12.30
C THR C 149 -1.69 -27.70 11.84
N PHE C 150 -0.69 -27.60 12.73
CA PHE C 150 0.53 -26.83 12.45
C PHE C 150 1.80 -27.65 12.58
N ALA C 151 2.65 -27.54 11.56
CA ALA C 151 4.00 -28.04 11.63
C ALA C 151 4.85 -26.94 12.28
N LEU C 152 5.30 -27.19 13.51
CA LEU C 152 6.12 -26.24 14.27
C LEU C 152 7.57 -26.70 14.37
N ASP D 8 -8.79 -21.60 -28.22
CA ASP D 8 -8.18 -21.03 -27.00
C ASP D 8 -9.11 -21.25 -25.82
N THR D 9 -8.74 -22.18 -24.92
CA THR D 9 -9.58 -22.57 -23.77
C THR D 9 -9.33 -21.72 -22.53
N SER D 10 -8.46 -20.72 -22.68
CA SER D 10 -7.95 -19.93 -21.57
C SER D 10 -8.70 -18.59 -21.40
N ILE D 11 -8.88 -18.18 -20.14
CA ILE D 11 -9.47 -16.91 -19.82
C ILE D 11 -8.39 -16.02 -19.20
N ASP D 12 -8.32 -14.79 -19.70
CA ASP D 12 -7.30 -13.84 -19.27
C ASP D 12 -7.79 -12.96 -18.14
N ILE D 13 -6.94 -12.12 -17.59
CA ILE D 13 -7.27 -11.39 -16.35
C ILE D 13 -8.44 -10.41 -16.49
N GLU D 14 -8.57 -9.79 -17.65
CA GLU D 14 -9.66 -8.84 -17.85
C GLU D 14 -10.99 -9.59 -17.90
N ASP D 15 -10.99 -10.78 -18.49
CA ASP D 15 -12.20 -11.58 -18.54
C ASP D 15 -12.52 -12.24 -17.21
N ILE D 16 -11.50 -12.66 -16.46
CA ILE D 16 -11.68 -13.12 -15.08
C ILE D 16 -12.35 -12.02 -14.26
N LYS D 17 -11.91 -10.78 -14.44
CA LYS D 17 -12.52 -9.66 -13.71
C LYS D 17 -13.99 -9.40 -14.06
N LYS D 18 -14.43 -9.74 -15.27
CA LYS D 18 -15.86 -9.72 -15.60
C LYS D 18 -16.67 -10.82 -14.92
N ILE D 19 -16.02 -11.87 -14.42
CA ILE D 19 -16.70 -13.00 -13.80
C ILE D 19 -16.74 -12.89 -12.29
N LEU D 20 -15.57 -12.67 -11.69
CA LEU D 20 -15.42 -12.52 -10.25
C LEU D 20 -15.46 -11.04 -9.85
N PRO D 21 -16.07 -10.73 -8.70
CA PRO D 21 -16.06 -9.36 -8.15
C PRO D 21 -14.78 -8.99 -7.43
N HIS D 22 -13.92 -9.97 -7.17
CA HIS D 22 -12.70 -9.77 -6.37
C HIS D 22 -11.77 -8.81 -7.08
N ARG D 23 -11.15 -7.90 -6.33
CA ARG D 23 -10.19 -6.98 -6.92
C ARG D 23 -8.88 -6.95 -6.06
N TYR D 24 -7.91 -6.14 -6.48
CA TYR D 24 -6.70 -6.00 -5.69
C TYR D 24 -7.04 -5.53 -4.26
N PRO D 25 -6.41 -6.09 -3.21
CA PRO D 25 -5.34 -7.08 -3.25
C PRO D 25 -5.81 -8.50 -2.97
N PHE D 26 -7.01 -8.85 -3.39
CA PHE D 26 -7.55 -10.13 -3.08
C PHE D 26 -8.14 -10.89 -4.25
N LEU D 27 -7.62 -10.62 -5.43
CA LEU D 27 -7.88 -11.40 -6.64
C LEU D 27 -6.65 -12.27 -6.89
N LEU D 28 -6.85 -13.60 -6.85
CA LEU D 28 -5.76 -14.59 -6.73
C LEU D 28 -5.83 -15.71 -7.80
N VAL D 29 -6.42 -15.39 -8.94
CA VAL D 29 -6.32 -16.19 -10.17
C VAL D 29 -5.79 -15.25 -11.25
N ASP D 30 -4.64 -15.62 -11.82
CA ASP D 30 -3.99 -14.78 -12.85
C ASP D 30 -4.36 -15.21 -14.26
N LYS D 31 -4.80 -16.47 -14.40
CA LYS D 31 -5.21 -16.99 -15.68
C LYS D 31 -6.02 -18.29 -15.53
N VAL D 32 -7.01 -18.47 -16.39
CA VAL D 32 -7.61 -19.81 -16.57
C VAL D 32 -7.05 -20.42 -17.85
N ILE D 33 -6.62 -21.68 -17.71
CA ILE D 33 -5.93 -22.44 -18.73
C ILE D 33 -6.92 -23.33 -19.46
N TYR D 34 -7.86 -23.89 -18.71
CA TYR D 34 -8.81 -24.85 -19.24
C TYR D 34 -10.05 -24.88 -18.36
N MET D 35 -11.20 -25.07 -18.99
CA MET D 35 -12.46 -25.16 -18.26
C MET D 35 -13.52 -25.97 -19.01
N GLN D 36 -14.05 -26.97 -18.31
CA GLN D 36 -15.14 -27.78 -18.79
C GLN D 36 -16.32 -27.57 -17.83
N PRO D 37 -17.33 -26.80 -18.26
CA PRO D 37 -18.43 -26.35 -17.39
C PRO D 37 -19.16 -27.51 -16.70
N ASN D 38 -19.68 -27.25 -15.50
CA ASN D 38 -20.25 -28.31 -14.64
C ASN D 38 -19.31 -29.49 -14.36
N LYS D 39 -18.00 -29.35 -14.60
CA LYS D 39 -17.06 -30.46 -14.33
C LYS D 39 -15.72 -30.06 -13.70
N THR D 40 -14.81 -29.47 -14.48
CA THR D 40 -13.48 -29.12 -13.97
C THR D 40 -12.98 -27.79 -14.53
N ILE D 41 -11.95 -27.25 -13.86
CA ILE D 41 -11.28 -26.02 -14.26
C ILE D 41 -9.82 -26.04 -13.80
N ILE D 42 -8.93 -25.53 -14.66
CA ILE D 42 -7.48 -25.44 -14.41
C ILE D 42 -7.00 -24.01 -14.67
N GLY D 43 -6.26 -23.43 -13.73
CA GLY D 43 -5.72 -22.10 -13.91
C GLY D 43 -4.43 -21.91 -13.16
N LEU D 44 -3.97 -20.67 -13.08
CA LEU D 44 -2.78 -20.38 -12.31
C LEU D 44 -2.74 -19.05 -11.61
N LYS D 45 -1.92 -19.02 -10.57
CA LYS D 45 -1.53 -17.80 -9.89
C LYS D 45 -0.03 -17.75 -9.95
N GLN D 46 0.51 -16.61 -10.37
CA GLN D 46 1.95 -16.37 -10.36
C GLN D 46 2.33 -15.79 -9.01
N VAL D 47 3.36 -16.38 -8.40
CA VAL D 47 3.83 -15.95 -7.07
C VAL D 47 5.08 -15.12 -7.23
N SER D 48 5.01 -13.85 -6.81
CA SER D 48 6.11 -12.91 -6.98
C SER D 48 6.40 -12.27 -5.65
N THR D 49 7.64 -11.91 -5.41
CA THR D 49 7.98 -11.14 -4.22
C THR D 49 7.24 -9.79 -4.18
N ASN D 50 6.85 -9.30 -5.36
CA ASN D 50 6.20 -8.00 -5.45
C ASN D 50 4.69 -8.06 -5.21
N GLU D 51 4.27 -8.92 -4.28
CA GLU D 51 2.90 -8.99 -3.81
C GLU D 51 2.88 -8.44 -2.40
N PRO D 52 1.81 -7.72 -2.06
CA PRO D 52 1.74 -6.96 -0.80
C PRO D 52 1.79 -7.81 0.47
N PHE D 53 1.28 -9.03 0.41
CA PHE D 53 1.27 -9.84 1.61
C PHE D 53 2.67 -10.33 2.04
N PHE D 54 3.66 -10.34 1.15
CA PHE D 54 4.94 -11.04 1.47
C PHE D 54 5.75 -10.33 2.54
N ASN D 55 5.57 -9.03 2.69
CA ASN D 55 6.33 -8.26 3.69
C ASN D 55 5.89 -8.70 5.11
N GLY D 56 4.67 -9.20 5.23
CA GLY D 56 4.14 -9.68 6.52
C GLY D 56 4.13 -11.18 6.75
N HIS D 57 4.58 -11.95 5.76
CA HIS D 57 4.56 -13.42 5.86
C HIS D 57 5.68 -14.08 5.08
N PHE D 58 6.93 -13.96 5.52
CA PHE D 58 7.32 -13.28 6.77
C PHE D 58 8.49 -12.40 6.40
N PRO D 59 8.80 -11.37 7.19
CA PRO D 59 9.99 -10.55 6.94
C PRO D 59 11.22 -11.38 6.59
N GLN D 60 11.56 -12.35 7.43
CA GLN D 60 12.81 -13.11 7.26
C GLN D 60 12.66 -14.34 6.38
N LYS D 61 11.44 -14.69 5.99
CA LYS D 61 11.23 -15.81 5.06
C LYS D 61 9.88 -15.69 4.35
N GLN D 62 9.96 -15.52 3.04
CA GLN D 62 8.82 -15.24 2.18
C GLN D 62 8.15 -16.53 1.76
N ILE D 63 6.98 -16.77 2.37
CA ILE D 63 6.20 -17.99 2.17
C ILE D 63 4.78 -17.60 1.88
N MET D 64 4.24 -18.07 0.76
CA MET D 64 2.86 -17.69 0.45
C MET D 64 1.92 -18.30 1.47
N PRO D 65 1.11 -17.47 2.18
CA PRO D 65 0.20 -17.97 3.21
C PRO D 65 -0.65 -19.10 2.71
N GLY D 66 -0.75 -20.17 3.49
CA GLY D 66 -1.59 -21.31 3.14
C GLY D 66 -3.04 -20.94 2.88
N VAL D 67 -3.57 -20.03 3.70
CA VAL D 67 -4.97 -19.62 3.55
C VAL D 67 -5.25 -18.86 2.23
N LEU D 68 -4.21 -18.26 1.63
CA LEU D 68 -4.36 -17.58 0.36
C LEU D 68 -4.30 -18.57 -0.79
N GLN D 69 -3.70 -19.73 -0.55
CA GLN D 69 -3.82 -20.86 -1.47
C GLN D 69 -5.24 -21.44 -1.46
N ILE D 70 -5.85 -21.53 -0.28
CA ILE D 70 -7.28 -21.85 -0.21
C ILE D 70 -8.13 -20.86 -1.01
N GLU D 71 -7.83 -19.57 -0.86
CA GLU D 71 -8.54 -18.47 -1.52
C GLU D 71 -8.39 -18.59 -3.04
N ALA D 72 -7.17 -18.79 -3.51
CA ALA D 72 -6.94 -18.91 -4.94
C ALA D 72 -7.73 -20.08 -5.51
N LEU D 73 -7.73 -21.22 -4.83
CA LEU D 73 -8.50 -22.38 -5.30
C LEU D 73 -9.99 -22.10 -5.24
N ALA D 74 -10.42 -21.40 -4.20
CA ALA D 74 -11.85 -21.03 -4.06
C ALA D 74 -12.36 -20.05 -5.13
N GLN D 75 -11.51 -19.08 -5.47
CA GLN D 75 -11.76 -18.17 -6.58
C GLN D 75 -11.87 -18.91 -7.92
N LEU D 76 -10.99 -19.88 -8.18
CA LEU D 76 -11.11 -20.78 -9.36
C LEU D 76 -12.39 -21.60 -9.37
N ALA D 77 -12.69 -22.21 -8.22
CA ALA D 77 -13.94 -22.97 -8.08
C ALA D 77 -15.11 -22.07 -8.40
N GLY D 78 -15.06 -20.84 -7.91
CA GLY D 78 -16.06 -19.81 -8.18
C GLY D 78 -16.28 -19.52 -9.65
N ILE D 79 -15.21 -19.44 -10.42
CA ILE D 79 -15.30 -19.17 -11.85
C ILE D 79 -16.03 -20.31 -12.53
N LEU D 80 -15.72 -21.53 -12.11
CA LEU D 80 -16.37 -22.72 -12.67
C LEU D 80 -17.88 -22.73 -12.38
N CYS D 81 -18.24 -22.40 -11.14
CA CYS D 81 -19.65 -22.31 -10.77
C CYS D 81 -20.40 -21.25 -11.52
N LEU D 82 -19.84 -20.04 -11.56
CA LEU D 82 -20.49 -18.95 -12.29
C LEU D 82 -20.63 -19.30 -13.77
N LYS D 83 -19.86 -20.27 -14.24
CA LYS D 83 -19.95 -20.81 -15.60
C LYS D 83 -20.54 -22.22 -15.59
N SER D 84 -21.53 -22.44 -14.73
CA SER D 84 -22.15 -23.76 -14.54
C SER D 84 -23.67 -23.63 -14.27
N ASN D 91 -22.56 -12.45 -8.86
CA ASN D 91 -21.22 -13.05 -8.78
C ASN D 91 -20.59 -13.02 -7.37
N LEU D 92 -21.12 -12.22 -6.44
CA LEU D 92 -20.68 -12.29 -5.03
C LEU D 92 -21.10 -13.65 -4.44
N PHE D 93 -20.21 -14.63 -4.55
CA PHE D 93 -20.37 -15.94 -3.89
C PHE D 93 -19.53 -15.88 -2.62
N LEU D 94 -20.02 -16.54 -1.57
CA LEU D 94 -19.25 -16.67 -0.32
C LEU D 94 -19.03 -18.14 0.03
N PHE D 95 -17.92 -18.30 0.72
CA PHE D 95 -17.36 -19.55 1.10
C PHE D 95 -18.20 -19.98 2.28
N ALA D 96 -18.90 -21.11 2.19
CA ALA D 96 -19.67 -21.59 3.34
C ALA D 96 -18.85 -22.53 4.23
N GLY D 97 -17.97 -23.30 3.60
CA GLY D 97 -17.16 -24.25 4.34
C GLY D 97 -16.00 -24.76 3.53
N VAL D 98 -15.00 -25.24 4.25
CA VAL D 98 -13.93 -26.01 3.63
C VAL D 98 -13.47 -27.12 4.58
N ASP D 99 -13.12 -28.27 4.00
CA ASP D 99 -12.64 -29.39 4.77
C ASP D 99 -11.55 -30.12 3.99
N GLY D 100 -10.68 -30.81 4.70
CA GLY D 100 -9.67 -31.68 4.10
C GLY D 100 -8.58 -30.88 3.41
N VAL D 101 -8.10 -29.84 4.07
CA VAL D 101 -7.03 -29.01 3.49
C VAL D 101 -5.71 -29.51 4.03
N ARG D 102 -4.77 -29.78 3.12
CA ARG D 102 -3.45 -30.32 3.45
C ARG D 102 -2.42 -29.61 2.62
N TRP D 103 -1.49 -28.94 3.28
CA TRP D 103 -0.40 -28.25 2.62
C TRP D 103 0.88 -29.11 2.67
N LYS D 104 1.47 -29.39 1.52
CA LYS D 104 2.74 -30.11 1.46
C LYS D 104 3.83 -29.04 1.47
N LYS D 105 4.42 -28.73 0.31
CA LYS D 105 5.63 -27.91 0.25
C LYS D 105 5.19 -26.45 0.33
N PRO D 106 5.99 -25.58 0.95
CA PRO D 106 5.75 -24.15 0.88
C PRO D 106 5.78 -23.62 -0.56
N VAL D 107 4.95 -22.64 -0.83
CA VAL D 107 4.93 -21.96 -2.13
C VAL D 107 5.71 -20.65 -1.96
N LEU D 108 6.70 -20.43 -2.83
CA LEU D 108 7.64 -19.32 -2.68
C LEU D 108 7.64 -18.37 -3.88
N PRO D 109 8.09 -17.13 -3.69
CA PRO D 109 8.31 -16.20 -4.81
C PRO D 109 9.06 -16.89 -5.94
N GLY D 110 8.65 -16.65 -7.17
CA GLY D 110 9.28 -17.33 -8.31
C GLY D 110 8.51 -18.56 -8.79
N ASP D 111 7.61 -19.04 -7.96
CA ASP D 111 6.81 -20.23 -8.29
C ASP D 111 5.57 -19.88 -9.11
N THR D 112 5.17 -20.84 -9.94
CA THR D 112 3.88 -20.81 -10.58
C THR D 112 3.01 -21.81 -9.86
N LEU D 113 1.94 -21.32 -9.27
CA LEU D 113 0.97 -22.16 -8.58
C LEU D 113 -0.15 -22.57 -9.56
N THR D 114 -0.08 -23.80 -10.06
CA THR D 114 -1.08 -24.31 -10.97
C THR D 114 -2.18 -25.02 -10.17
N MET D 115 -3.42 -24.76 -10.51
CA MET D 115 -4.53 -25.16 -9.67
C MET D 115 -5.63 -25.81 -10.48
N GLN D 116 -6.30 -26.79 -9.86
CA GLN D 116 -7.42 -27.47 -10.48
C GLN D 116 -8.56 -27.70 -9.49
N ALA D 117 -9.77 -27.30 -9.86
CA ALA D 117 -10.95 -27.53 -9.05
C ALA D 117 -11.92 -28.41 -9.82
N ASN D 118 -12.55 -29.35 -9.13
CA ASN D 118 -13.56 -30.23 -9.74
C ASN D 118 -14.89 -30.09 -9.03
N LEU D 119 -15.97 -30.06 -9.79
CA LEU D 119 -17.30 -29.91 -9.23
C LEU D 119 -17.77 -31.22 -8.63
N ILE D 120 -18.34 -31.16 -7.43
CA ILE D 120 -18.91 -32.35 -6.78
C ILE D 120 -20.45 -32.32 -6.70
N SER D 121 -21.05 -31.15 -6.49
CA SER D 121 -22.51 -31.06 -6.46
C SER D 121 -23.05 -29.63 -6.53
N PHE D 122 -24.33 -29.52 -6.88
CA PHE D 122 -25.02 -28.25 -7.10
C PHE D 122 -26.49 -28.30 -6.63
N ALA D 129 -22.33 -24.74 -3.74
CA ALA D 129 -21.99 -26.00 -4.39
C ALA D 129 -20.77 -26.57 -3.69
N LYS D 130 -20.46 -27.84 -3.97
CA LYS D 130 -19.33 -28.55 -3.36
C LYS D 130 -18.28 -28.91 -4.42
N LEU D 131 -17.03 -28.49 -4.19
CA LEU D 131 -15.92 -28.77 -5.11
C LEU D 131 -14.67 -29.23 -4.35
N SER D 132 -13.79 -29.94 -5.06
CA SER D 132 -12.48 -30.33 -4.52
C SER D 132 -11.42 -29.58 -5.28
N GLY D 133 -10.20 -29.56 -4.75
CA GLY D 133 -9.12 -28.86 -5.43
C GLY D 133 -7.71 -29.30 -5.08
N VAL D 134 -6.79 -29.08 -6.01
CA VAL D 134 -5.39 -29.44 -5.85
C VAL D 134 -4.52 -28.32 -6.40
N GLY D 135 -3.43 -28.01 -5.70
CA GLY D 135 -2.44 -27.07 -6.17
C GLY D 135 -1.07 -27.71 -6.42
N TYR D 136 -0.42 -27.30 -7.51
CA TYR D 136 0.87 -27.81 -7.93
C TYR D 136 1.89 -26.71 -8.12
N VAL D 137 3.14 -27.05 -7.82
CA VAL D 137 4.29 -26.33 -8.28
C VAL D 137 5.26 -27.37 -8.88
N ASN D 138 5.84 -27.05 -10.01
CA ASN D 138 6.72 -27.99 -10.72
C ASN D 138 6.12 -29.39 -10.84
N GLY D 139 4.83 -29.47 -11.15
CA GLY D 139 4.15 -30.75 -11.36
C GLY D 139 3.91 -31.55 -10.09
N LYS D 140 4.19 -30.96 -8.93
CA LYS D 140 4.07 -31.67 -7.66
C LYS D 140 3.10 -30.95 -6.75
N VAL D 141 2.32 -31.74 -6.03
CA VAL D 141 1.25 -31.23 -5.18
C VAL D 141 1.80 -30.43 -4.00
N VAL D 142 1.37 -29.18 -3.90
CA VAL D 142 1.66 -28.34 -2.71
C VAL D 142 0.46 -28.18 -1.76
N ILE D 143 -0.76 -28.41 -2.25
CA ILE D 143 -1.95 -28.30 -1.42
C ILE D 143 -3.02 -29.23 -1.95
N ASN D 144 -3.74 -29.87 -1.04
CA ASN D 144 -4.95 -30.62 -1.38
C ASN D 144 -6.16 -30.09 -0.60
N ILE D 145 -7.33 -30.06 -1.24
CA ILE D 145 -8.57 -29.66 -0.58
C ILE D 145 -9.68 -30.61 -1.02
N SER D 146 -10.16 -31.44 -0.09
CA SER D 146 -11.12 -32.46 -0.47
C SER D 146 -12.46 -31.84 -0.76
N GLU D 147 -12.82 -30.78 -0.05
CA GLU D 147 -14.15 -30.20 -0.20
C GLU D 147 -14.26 -28.73 0.17
N MET D 148 -14.69 -27.92 -0.79
CA MET D 148 -15.03 -26.50 -0.58
C MET D 148 -16.52 -26.34 -0.84
N THR D 149 -17.21 -25.68 0.08
CA THR D 149 -18.65 -25.50 -0.03
C THR D 149 -18.98 -24.01 -0.23
N PHE D 150 -19.84 -23.70 -1.21
CA PHE D 150 -20.17 -22.30 -1.48
C PHE D 150 -21.67 -21.96 -1.44
N ALA D 151 -21.92 -20.72 -1.02
CA ALA D 151 -23.17 -20.00 -1.34
C ALA D 151 -22.95 -18.49 -1.07
N ASP E 8 20.89 29.15 7.58
CA ASP E 8 21.40 27.91 8.26
C ASP E 8 21.25 26.73 7.32
N THR E 9 21.83 25.59 7.69
CA THR E 9 21.97 24.48 6.76
C THR E 9 20.76 23.53 6.79
N SER E 10 20.61 22.79 5.70
CA SER E 10 19.51 21.88 5.53
C SER E 10 19.75 20.49 6.17
N ILE E 11 18.66 19.76 6.39
CA ILE E 11 18.68 18.39 6.87
C ILE E 11 17.94 17.60 5.80
N ASP E 12 18.62 16.65 5.17
CA ASP E 12 17.98 15.76 4.17
C ASP E 12 17.10 14.70 4.85
N ILE E 13 16.53 13.82 4.03
CA ILE E 13 15.52 12.89 4.49
C ILE E 13 16.07 11.79 5.40
N GLU E 14 17.26 11.30 5.10
CA GLU E 14 17.85 10.22 5.89
C GLU E 14 18.22 10.76 7.28
N ASP E 15 18.65 12.02 7.31
CA ASP E 15 18.95 12.71 8.54
C ASP E 15 17.70 13.11 9.30
N ILE E 16 16.64 13.49 8.59
CA ILE E 16 15.34 13.67 9.22
C ILE E 16 14.97 12.37 9.93
N LYS E 17 15.19 11.26 9.25
CA LYS E 17 14.80 9.95 9.77
C LYS E 17 15.63 9.53 10.98
N LYS E 18 16.85 10.03 11.09
CA LYS E 18 17.61 9.84 12.32
C LYS E 18 17.06 10.66 13.50
N ILE E 19 16.27 11.72 13.23
CA ILE E 19 15.72 12.59 14.28
C ILE E 19 14.31 12.13 14.70
N LEU E 20 13.48 11.86 13.70
CA LEU E 20 12.08 11.54 13.91
C LEU E 20 11.87 10.03 13.78
N PRO E 21 10.94 9.47 14.58
CA PRO E 21 10.54 8.05 14.48
C PRO E 21 9.53 7.70 13.39
N HIS E 22 8.93 8.72 12.80
CA HIS E 22 7.86 8.55 11.81
C HIS E 22 8.40 7.87 10.57
N ARG E 23 7.60 6.99 10.00
CA ARG E 23 8.01 6.33 8.77
C ARG E 23 6.82 6.32 7.81
N TYR E 24 7.02 5.79 6.63
CA TYR E 24 5.95 5.66 5.64
C TYR E 24 4.80 4.85 6.20
N PRO E 25 3.53 5.24 6.00
CA PRO E 25 3.10 6.36 5.17
C PRO E 25 2.78 7.58 5.98
N PHE E 26 3.54 7.83 7.04
CA PHE E 26 3.20 8.94 7.93
C PHE E 26 4.37 9.80 8.27
N LEU E 27 5.35 9.85 7.38
CA LEU E 27 6.45 10.81 7.49
C LEU E 27 6.21 11.92 6.47
N LEU E 28 6.08 13.15 6.97
CA LEU E 28 5.47 14.23 6.19
C LEU E 28 6.32 15.50 6.19
N VAL E 29 7.61 15.37 6.48
CA VAL E 29 8.60 16.43 6.23
C VAL E 29 9.61 15.83 5.26
N ASP E 30 9.85 16.53 4.14
CA ASP E 30 10.77 16.06 3.10
C ASP E 30 12.16 16.65 3.25
N LYS E 31 12.25 17.84 3.86
CA LYS E 31 13.49 18.58 3.93
C LYS E 31 13.34 19.72 4.91
N VAL E 32 14.43 20.02 5.61
CA VAL E 32 14.54 21.14 6.50
C VAL E 32 15.56 22.03 5.82
N ILE E 33 15.19 23.30 5.64
CA ILE E 33 16.02 24.26 4.91
C ILE E 33 16.64 25.31 5.83
N TYR E 34 15.98 25.55 6.97
CA TYR E 34 16.48 26.44 7.99
C TYR E 34 16.05 25.94 9.36
N MET E 35 16.96 26.09 10.31
CA MET E 35 16.64 25.90 11.71
C MET E 35 17.56 26.74 12.56
N GLN E 36 16.96 27.28 13.61
CA GLN E 36 17.68 28.00 14.63
C GLN E 36 17.22 27.38 15.95
N PRO E 37 18.09 26.61 16.59
CA PRO E 37 17.79 25.97 17.87
C PRO E 37 17.10 26.90 18.90
N ASN E 38 16.06 26.39 19.56
CA ASN E 38 15.27 27.11 20.56
C ASN E 38 14.52 28.31 20.01
N LYS E 39 14.25 28.32 18.71
CA LYS E 39 13.65 29.47 18.04
C LYS E 39 12.64 29.03 16.98
N THR E 40 13.13 28.69 15.81
CA THR E 40 12.27 28.44 14.67
C THR E 40 12.89 27.42 13.72
N ILE E 41 12.03 26.81 12.92
CA ILE E 41 12.47 25.87 11.91
C ILE E 41 11.62 26.07 10.66
N ILE E 42 12.26 25.95 9.51
CA ILE E 42 11.58 26.04 8.23
C ILE E 42 11.92 24.78 7.44
N GLY E 43 10.90 24.09 6.94
CA GLY E 43 11.10 22.96 6.09
C GLY E 43 10.01 22.88 5.04
N LEU E 44 9.95 21.75 4.35
CA LEU E 44 8.94 21.57 3.33
C LEU E 44 8.48 20.13 3.11
N LYS E 45 7.22 20.01 2.70
CA LYS E 45 6.66 18.76 2.24
C LYS E 45 6.26 18.92 0.77
N GLN E 46 6.72 18.02 -0.10
CA GLN E 46 6.32 18.07 -1.52
C GLN E 46 5.03 17.29 -1.68
N VAL E 47 4.04 17.90 -2.35
CA VAL E 47 2.74 17.29 -2.52
C VAL E 47 2.58 16.71 -3.92
N SER E 48 2.42 15.40 -3.97
CA SER E 48 2.33 14.66 -5.24
C SER E 48 1.07 13.86 -5.27
N THR E 49 0.52 13.67 -6.47
CA THR E 49 -0.59 12.76 -6.64
C THR E 49 -0.20 11.32 -6.27
N ASN E 50 1.09 10.98 -6.39
CA ASN E 50 1.59 9.63 -6.11
C ASN E 50 1.83 9.38 -4.59
N GLU E 51 0.92 9.90 -3.76
CA GLU E 51 0.88 9.68 -2.33
C GLU E 51 -0.36 8.86 -1.98
N PRO E 52 -0.24 7.90 -1.04
CA PRO E 52 -1.33 6.96 -0.78
C PRO E 52 -2.64 7.61 -0.31
N PHE E 53 -2.59 8.73 0.34
CA PHE E 53 -3.85 9.28 0.89
C PHE E 53 -4.80 9.88 -0.17
N PHE E 54 -4.25 10.31 -1.31
CA PHE E 54 -5.03 11.01 -2.35
C PHE E 54 -6.14 10.18 -2.97
N ASN E 55 -5.96 8.86 -3.07
CA ASN E 55 -7.06 8.00 -3.54
C ASN E 55 -8.31 8.05 -2.66
N GLY E 56 -8.10 8.41 -1.40
CA GLY E 56 -9.16 8.42 -0.41
C GLY E 56 -9.74 9.80 -0.10
N HIS E 57 -9.07 10.86 -0.56
CA HIS E 57 -9.39 12.26 -0.23
C HIS E 57 -9.06 13.20 -1.40
N PHE E 58 -9.82 13.12 -2.51
CA PHE E 58 -11.03 12.31 -2.65
C PHE E 58 -10.96 11.78 -4.03
N PRO E 59 -11.62 10.63 -4.26
CA PRO E 59 -11.62 10.04 -5.59
C PRO E 59 -11.81 11.06 -6.71
N GLN E 60 -12.78 11.96 -6.56
CA GLN E 60 -13.11 12.86 -7.65
C GLN E 60 -12.41 14.22 -7.59
N LYS E 61 -11.72 14.51 -6.49
CA LYS E 61 -10.97 15.77 -6.34
C LYS E 61 -9.90 15.60 -5.32
N GLN E 62 -8.63 15.64 -5.76
CA GLN E 62 -7.49 15.43 -4.86
C GLN E 62 -7.13 16.68 -4.11
N ILE E 63 -7.32 16.59 -2.80
CA ILE E 63 -7.08 17.68 -1.88
C ILE E 63 -6.36 17.11 -0.68
N MET E 64 -5.24 17.72 -0.34
CA MET E 64 -4.45 17.19 0.77
C MET E 64 -5.22 17.44 2.07
N PRO E 65 -5.50 16.37 2.83
CA PRO E 65 -6.25 16.49 4.07
C PRO E 65 -5.71 17.58 4.98
N GLY E 66 -6.61 18.43 5.49
CA GLY E 66 -6.20 19.46 6.42
C GLY E 66 -5.41 18.88 7.58
N VAL E 67 -5.87 17.74 8.09
CA VAL E 67 -5.26 17.12 9.27
C VAL E 67 -3.79 16.69 9.01
N LEU E 68 -3.44 16.41 7.76
CA LEU E 68 -2.05 16.00 7.44
C LEU E 68 -1.14 17.20 7.29
N GLN E 69 -1.75 18.35 7.02
CA GLN E 69 -1.06 19.62 7.12
C GLN E 69 -0.73 19.97 8.58
N ILE E 70 -1.67 19.74 9.49
CA ILE E 70 -1.36 19.81 10.93
C ILE E 70 -0.19 18.89 11.26
N GLU E 71 -0.31 17.62 10.88
CA GLU E 71 0.72 16.59 11.12
C GLU E 71 2.10 16.95 10.60
N ALA E 72 2.18 17.38 9.35
CA ALA E 72 3.45 17.85 8.75
C ALA E 72 4.11 18.96 9.56
N LEU E 73 3.31 19.91 10.02
CA LEU E 73 3.83 20.97 10.86
C LEU E 73 4.23 20.43 12.25
N ALA E 74 3.45 19.49 12.77
CA ALA E 74 3.71 18.90 14.08
C ALA E 74 5.05 18.14 14.07
N GLN E 75 5.28 17.41 12.98
CA GLN E 75 6.54 16.74 12.75
C GLN E 75 7.69 17.71 12.64
N LEU E 76 7.51 18.76 11.84
CA LEU E 76 8.55 19.83 11.76
C LEU E 76 8.92 20.44 13.12
N ALA E 77 7.90 20.68 13.94
CA ALA E 77 8.08 21.26 15.26
C ALA E 77 8.86 20.30 16.15
N GLY E 78 8.57 19.01 16.00
CA GLY E 78 9.26 17.94 16.73
C GLY E 78 10.75 17.90 16.42
N ILE E 79 11.09 18.07 15.14
CA ILE E 79 12.51 18.15 14.76
C ILE E 79 13.18 19.30 15.54
N LEU E 80 12.53 20.46 15.58
CA LEU E 80 13.08 21.62 16.30
C LEU E 80 13.31 21.34 17.80
N CYS E 81 12.36 20.65 18.42
CA CYS E 81 12.47 20.24 19.83
C CYS E 81 13.61 19.26 20.06
N LEU E 82 13.77 18.30 19.16
CA LEU E 82 14.79 17.26 19.32
C LEU E 82 16.22 17.77 19.01
N LYS E 83 16.34 18.61 17.99
CA LYS E 83 17.62 19.28 17.69
C LYS E 83 17.94 20.42 18.68
N SER E 84 16.93 20.82 19.46
CA SER E 84 17.12 21.86 20.47
C SER E 84 16.41 21.48 21.78
N ASN E 90 14.74 10.04 23.59
CA ASN E 90 13.35 9.66 23.28
C ASN E 90 12.78 10.57 22.21
N ASN E 91 12.86 10.14 20.95
CA ASN E 91 12.28 10.90 19.84
C ASN E 91 10.78 10.70 19.65
N LEU E 92 10.16 9.81 20.43
CA LEU E 92 8.69 9.64 20.40
C LEU E 92 8.08 10.73 21.27
N PHE E 93 7.30 11.59 20.61
CA PHE E 93 6.56 12.66 21.27
C PHE E 93 5.15 12.58 20.70
N LEU E 94 4.16 12.81 21.54
CA LEU E 94 2.79 12.70 21.09
C LEU E 94 2.12 14.06 21.18
N PHE E 95 1.07 14.18 20.39
CA PHE E 95 0.31 15.40 20.29
C PHE E 95 -0.51 15.43 21.56
N ALA E 96 -0.41 16.50 22.34
CA ALA E 96 -1.25 16.65 23.52
C ALA E 96 -2.43 17.59 23.27
N GLY E 97 -2.24 18.59 22.43
CA GLY E 97 -3.35 19.48 22.06
C GLY E 97 -3.01 20.31 20.84
N VAL E 98 -4.03 20.89 20.23
CA VAL E 98 -3.83 21.87 19.17
C VAL E 98 -4.97 22.88 19.20
N ASP E 99 -4.61 24.15 19.11
CA ASP E 99 -5.54 25.26 19.15
C ASP E 99 -5.39 26.16 17.93
N GLY E 100 -6.49 26.81 17.56
CA GLY E 100 -6.49 27.85 16.55
C GLY E 100 -5.84 27.36 15.27
N VAL E 101 -6.41 26.29 14.73
CA VAL E 101 -6.06 25.85 13.39
C VAL E 101 -7.03 26.47 12.40
N ARG E 102 -6.50 27.20 11.41
CA ARG E 102 -7.30 27.69 10.29
C ARG E 102 -6.70 27.28 8.95
N TRP E 103 -7.49 26.61 8.12
CA TRP E 103 -7.08 26.26 6.76
C TRP E 103 -7.60 27.30 5.77
N LYS E 104 -6.71 28.02 5.10
CA LYS E 104 -7.11 29.13 4.27
C LYS E 104 -7.37 28.77 2.78
N LYS E 105 -6.75 27.71 2.28
CA LYS E 105 -6.71 27.44 0.85
C LYS E 105 -6.39 25.95 0.70
N PRO E 106 -7.01 25.21 -0.24
CA PRO E 106 -6.67 23.80 -0.42
C PRO E 106 -5.24 23.63 -0.93
N VAL E 107 -4.60 22.55 -0.49
CA VAL E 107 -3.25 22.19 -0.91
C VAL E 107 -3.38 21.00 -1.85
N LEU E 108 -2.83 21.13 -3.04
CA LEU E 108 -3.14 20.21 -4.14
C LEU E 108 -1.88 19.54 -4.67
N PRO E 109 -2.04 18.42 -5.39
CA PRO E 109 -0.91 17.82 -6.08
C PRO E 109 -0.18 18.84 -6.96
N GLY E 110 1.15 18.80 -6.95
CA GLY E 110 1.95 19.78 -7.66
C GLY E 110 2.45 20.88 -6.75
N ASP E 111 1.83 21.06 -5.59
CA ASP E 111 2.27 22.11 -4.68
C ASP E 111 3.47 21.69 -3.85
N THR E 112 4.21 22.68 -3.42
CA THR E 112 5.19 22.57 -2.35
C THR E 112 4.64 23.23 -1.12
N LEU E 113 4.48 22.46 -0.05
CA LEU E 113 4.12 23.07 1.21
C LEU E 113 5.36 23.51 1.98
N THR E 114 5.52 24.83 2.13
CA THR E 114 6.59 25.37 2.92
C THR E 114 6.04 25.66 4.31
N MET E 115 6.75 25.23 5.33
CA MET E 115 6.24 25.25 6.69
C MET E 115 7.24 25.88 7.62
N GLN E 116 6.76 26.71 8.54
CA GLN E 116 7.58 27.23 9.60
C GLN E 116 6.92 26.99 10.95
N ALA E 117 7.76 26.59 11.92
CA ALA E 117 7.34 26.34 13.29
C ALA E 117 8.20 27.15 14.26
N ASN E 118 7.57 27.69 15.29
CA ASN E 118 8.22 28.56 16.23
C ASN E 118 8.01 28.06 17.64
N LEU E 119 9.10 27.93 18.39
CA LEU E 119 9.02 27.44 19.74
C LEU E 119 8.42 28.53 20.63
N ILE E 120 7.29 28.23 21.27
CA ILE E 120 6.73 29.12 22.26
C ILE E 120 7.35 28.79 23.63
N SER E 121 7.32 27.53 24.03
CA SER E 121 7.93 27.13 25.31
C SER E 121 8.26 25.63 25.41
N PHE E 122 9.10 25.28 26.37
CA PHE E 122 9.55 23.90 26.58
C PHE E 122 9.96 23.61 28.04
N LYS E 123 9.76 22.36 28.46
CA LYS E 123 10.57 21.73 29.52
C LYS E 123 10.42 20.21 29.47
N GLY E 127 8.60 17.26 29.97
CA GLY E 127 8.65 16.94 28.55
C GLY E 127 7.47 17.55 27.81
N ILE E 128 7.31 18.87 27.96
CA ILE E 128 6.17 19.61 27.38
C ILE E 128 6.64 20.79 26.52
N ALA E 129 6.30 20.72 25.24
CA ALA E 129 6.68 21.74 24.27
C ALA E 129 5.46 22.40 23.67
N LYS E 130 5.47 23.74 23.61
CA LYS E 130 4.42 24.49 22.89
C LYS E 130 4.99 25.33 21.75
N LEU E 131 4.42 25.16 20.55
CA LEU E 131 4.88 25.85 19.34
C LEU E 131 3.71 26.29 18.46
N SER E 132 3.93 27.36 17.71
CA SER E 132 2.99 27.82 16.69
C SER E 132 3.47 27.39 15.31
N GLY E 133 2.57 27.40 14.33
CA GLY E 133 2.91 27.00 12.97
C GLY E 133 2.23 27.79 11.87
N VAL E 134 2.87 27.82 10.70
CA VAL E 134 2.27 28.37 9.47
C VAL E 134 2.71 27.56 8.25
N GLY E 135 1.78 27.27 7.34
CA GLY E 135 2.13 26.59 6.10
C GLY E 135 1.87 27.49 4.92
N TYR E 136 2.76 27.46 3.93
CA TYR E 136 2.65 28.33 2.76
C TYR E 136 2.66 27.54 1.48
N VAL E 137 2.04 28.08 0.46
CA VAL E 137 2.22 27.61 -0.92
C VAL E 137 2.37 28.87 -1.80
N ASN E 138 3.50 28.94 -2.49
CA ASN E 138 3.84 30.08 -3.37
C ASN E 138 3.82 31.42 -2.66
N GLY E 139 4.29 31.39 -1.41
CA GLY E 139 4.40 32.59 -0.62
C GLY E 139 3.17 32.94 0.17
N LYS E 140 2.08 32.21 -0.06
CA LYS E 140 0.79 32.55 0.55
C LYS E 140 0.40 31.56 1.63
N VAL E 141 -0.20 32.05 2.71
CA VAL E 141 -0.61 31.23 3.83
C VAL E 141 -1.76 30.28 3.39
N VAL E 142 -1.58 28.99 3.67
CA VAL E 142 -2.64 28.00 3.46
C VAL E 142 -3.18 27.40 4.77
N ILE E 143 -2.35 27.41 5.81
CA ILE E 143 -2.73 26.98 7.14
C ILE E 143 -2.00 27.80 8.21
N ASN E 144 -2.74 28.18 9.24
CA ASN E 144 -2.19 28.73 10.48
C ASN E 144 -2.52 27.83 11.64
N ILE E 145 -1.56 27.63 12.54
CA ILE E 145 -1.81 26.93 13.79
C ILE E 145 -1.31 27.82 14.94
N SER E 146 -2.24 28.41 15.70
CA SER E 146 -1.85 29.31 16.78
C SER E 146 -1.02 28.57 17.84
N GLU E 147 -1.38 27.34 18.18
CA GLU E 147 -0.52 26.58 19.12
C GLU E 147 -0.68 25.08 19.10
N MET E 148 0.46 24.38 19.01
CA MET E 148 0.51 22.93 19.16
C MET E 148 1.24 22.52 20.45
N THR E 149 0.66 21.59 21.20
CA THR E 149 1.25 21.10 22.46
C THR E 149 1.68 19.63 22.35
N PHE E 150 2.92 19.36 22.75
CA PHE E 150 3.47 18.01 22.64
C PHE E 150 3.93 17.47 23.99
N ALA E 151 3.60 16.20 24.23
CA ALA E 151 4.20 15.43 25.33
C ALA E 151 5.30 14.54 24.75
N LEU E 152 6.52 14.72 25.27
CA LEU E 152 7.74 14.15 24.69
C LEU E 152 8.30 13.07 25.60
N TYR F 7 -34.15 7.41 17.10
CA TYR F 7 -32.83 7.88 16.55
C TYR F 7 -31.72 6.81 16.55
N ASP F 8 -31.92 5.72 17.30
CA ASP F 8 -31.12 4.50 17.14
C ASP F 8 -31.13 4.15 15.68
N THR F 9 -29.99 4.35 15.05
CA THR F 9 -29.89 4.21 13.62
C THR F 9 -28.52 3.67 13.34
N SER F 10 -28.49 2.37 13.12
CA SER F 10 -27.30 1.67 12.71
C SER F 10 -27.06 1.85 11.20
N ILE F 11 -26.15 2.77 10.85
CA ILE F 11 -25.72 2.97 9.46
C ILE F 11 -24.41 2.18 9.22
N ASP F 12 -24.43 1.31 8.21
CA ASP F 12 -23.29 0.45 7.93
C ASP F 12 -22.33 1.15 6.98
N ILE F 13 -21.26 0.47 6.61
CA ILE F 13 -20.20 1.13 5.85
C ILE F 13 -20.66 1.43 4.43
N GLU F 14 -21.50 0.57 3.85
CA GLU F 14 -21.94 0.78 2.47
C GLU F 14 -22.80 2.05 2.43
N ASP F 15 -23.57 2.24 3.51
CA ASP F 15 -24.45 3.41 3.70
C ASP F 15 -23.64 4.64 3.97
N ILE F 16 -22.64 4.55 4.86
CA ILE F 16 -21.67 5.63 5.10
C ILE F 16 -21.00 6.14 3.80
N LYS F 17 -20.71 5.22 2.89
CA LYS F 17 -20.04 5.57 1.63
C LYS F 17 -20.96 6.25 0.62
N LYS F 18 -22.26 6.08 0.79
CA LYS F 18 -23.21 6.90 0.02
C LYS F 18 -23.34 8.34 0.55
N ILE F 19 -23.02 8.55 1.82
CA ILE F 19 -23.08 9.87 2.44
C ILE F 19 -21.75 10.60 2.20
N LEU F 20 -20.64 9.98 2.57
CA LEU F 20 -19.30 10.62 2.51
C LEU F 20 -18.58 10.27 1.21
N PRO F 21 -17.76 11.21 0.70
CA PRO F 21 -16.92 10.95 -0.47
C PRO F 21 -15.57 10.25 -0.13
N HIS F 22 -15.20 10.25 1.15
CA HIS F 22 -13.94 9.65 1.60
C HIS F 22 -13.88 8.17 1.26
N ARG F 23 -12.69 7.71 0.91
CA ARG F 23 -12.48 6.31 0.57
C ARG F 23 -11.15 5.83 1.20
N TYR F 24 -10.78 4.57 1.01
CA TYR F 24 -9.54 4.04 1.57
C TYR F 24 -8.38 4.80 0.93
N PRO F 25 -7.36 5.25 1.68
CA PRO F 25 -7.08 4.89 3.09
C PRO F 25 -7.45 6.00 4.04
N PHE F 26 -8.54 6.71 3.76
CA PHE F 26 -8.89 7.90 4.53
C PHE F 26 -10.40 7.96 4.89
N LEU F 27 -11.03 6.79 4.96
CA LEU F 27 -12.40 6.66 5.51
C LEU F 27 -12.28 6.05 6.91
N LEU F 28 -12.66 6.84 7.93
CA LEU F 28 -12.32 6.59 9.33
C LEU F 28 -13.56 6.57 10.22
N VAL F 29 -14.69 6.18 9.64
CA VAL F 29 -15.91 5.92 10.35
C VAL F 29 -16.38 4.55 9.82
N ASP F 30 -16.52 3.57 10.72
CA ASP F 30 -16.91 2.19 10.35
C ASP F 30 -18.41 1.95 10.52
N LYS F 31 -19.03 2.73 11.40
CA LYS F 31 -20.40 2.49 11.82
C LYS F 31 -20.96 3.74 12.50
N VAL F 32 -22.21 4.08 12.16
CA VAL F 32 -23.02 5.07 12.89
C VAL F 32 -24.08 4.29 13.64
N ILE F 33 -24.12 4.45 14.96
CA ILE F 33 -25.07 3.73 15.82
C ILE F 33 -26.26 4.57 16.26
N TYR F 34 -26.14 5.89 16.15
CA TYR F 34 -27.19 6.80 16.59
C TYR F 34 -27.14 8.07 15.80
N MET F 35 -28.30 8.60 15.42
CA MET F 35 -28.33 9.93 14.82
C MET F 35 -29.64 10.65 15.00
N GLN F 36 -29.56 11.84 15.60
CA GLN F 36 -30.68 12.75 15.70
C GLN F 36 -30.37 13.91 14.77
N PRO F 37 -31.09 14.03 13.66
CA PRO F 37 -30.74 15.03 12.66
C PRO F 37 -30.66 16.41 13.32
N ASN F 38 -29.76 17.25 12.81
CA ASN F 38 -29.57 18.64 13.23
C ASN F 38 -29.11 18.79 14.67
N LYS F 39 -28.76 17.70 15.35
CA LYS F 39 -28.39 17.75 16.77
C LYS F 39 -27.12 16.97 17.08
N THR F 40 -27.19 15.64 17.06
CA THR F 40 -26.04 14.82 17.45
C THR F 40 -25.93 13.50 16.69
N ILE F 41 -24.73 12.95 16.72
CA ILE F 41 -24.40 11.68 16.05
C ILE F 41 -23.40 10.89 16.88
N ILE F 42 -23.58 9.57 16.87
CA ILE F 42 -22.69 8.66 17.57
C ILE F 42 -22.29 7.54 16.61
N GLY F 43 -21.01 7.25 16.54
CA GLY F 43 -20.54 6.09 15.79
C GLY F 43 -19.19 5.64 16.29
N LEU F 44 -18.56 4.78 15.51
CA LEU F 44 -17.30 4.22 15.93
C LEU F 44 -16.34 3.97 14.78
N LYS F 45 -15.07 3.93 15.17
CA LYS F 45 -13.96 3.50 14.35
C LYS F 45 -13.26 2.36 15.13
N GLN F 46 -13.13 1.20 14.49
CA GLN F 46 -12.38 0.06 15.04
C GLN F 46 -10.92 0.21 14.69
N VAL F 47 -10.08 0.17 15.71
CA VAL F 47 -8.64 0.37 15.59
C VAL F 47 -7.89 -1.00 15.57
N SER F 48 -7.36 -1.33 14.40
CA SER F 48 -6.64 -2.57 14.15
C SER F 48 -5.17 -2.28 13.82
N THR F 49 -4.28 -3.18 14.18
CA THR F 49 -2.90 -3.12 13.73
C THR F 49 -2.86 -3.21 12.21
N ASN F 50 -3.85 -3.86 11.60
CA ASN F 50 -3.89 -4.04 10.16
C ASN F 50 -4.36 -2.80 9.35
N GLU F 51 -4.04 -1.60 9.83
CA GLU F 51 -4.36 -0.37 9.14
C GLU F 51 -3.06 0.23 8.64
N PRO F 52 -3.07 0.81 7.45
CA PRO F 52 -1.82 1.18 6.75
C PRO F 52 -0.96 2.23 7.46
N PHE F 53 -1.58 3.07 8.30
CA PHE F 53 -0.84 4.11 8.97
C PHE F 53 0.08 3.60 10.08
N PHE F 54 -0.25 2.44 10.65
CA PHE F 54 0.43 1.99 11.86
C PHE F 54 1.92 1.64 11.70
N ASN F 55 2.33 1.23 10.49
CA ASN F 55 3.75 1.02 10.22
C ASN F 55 4.56 2.32 10.30
N GLY F 56 3.90 3.46 10.10
CA GLY F 56 4.60 4.74 10.13
C GLY F 56 4.54 5.49 11.46
N HIS F 57 3.72 5.01 12.39
CA HIS F 57 3.38 5.76 13.60
C HIS F 57 3.07 4.78 14.73
N PHE F 58 4.08 4.11 15.29
CA PHE F 58 5.50 4.19 14.92
C PHE F 58 5.99 2.79 14.78
N PRO F 59 7.06 2.56 14.04
CA PRO F 59 7.61 1.21 13.94
C PRO F 59 7.71 0.48 15.29
N GLN F 60 8.26 1.14 16.30
CA GLN F 60 8.48 0.52 17.62
C GLN F 60 7.32 0.64 18.61
N LYS F 61 6.25 1.36 18.26
CA LYS F 61 5.10 1.52 19.14
C LYS F 61 3.90 2.07 18.38
N GLN F 62 2.90 1.21 18.20
CA GLN F 62 1.75 1.55 17.37
C GLN F 62 0.77 2.37 18.19
N ILE F 63 0.64 3.64 17.80
CA ILE F 63 -0.25 4.61 18.45
C ILE F 63 -1.05 5.29 17.32
N MET F 64 -2.38 5.27 17.40
CA MET F 64 -3.21 5.95 16.39
C MET F 64 -2.91 7.44 16.37
N PRO F 65 -2.45 7.98 15.24
CA PRO F 65 -2.19 9.41 15.19
C PRO F 65 -3.39 10.21 15.73
N GLY F 66 -3.07 11.19 16.58
CA GLY F 66 -4.04 12.09 17.15
C GLY F 66 -4.82 12.83 16.09
N VAL F 67 -4.14 13.22 15.02
CA VAL F 67 -4.81 13.95 13.94
C VAL F 67 -5.78 13.10 13.12
N LEU F 68 -5.63 11.78 13.17
CA LEU F 68 -6.61 10.87 12.54
C LEU F 68 -7.82 10.64 13.42
N GLN F 69 -7.67 10.87 14.71
CA GLN F 69 -8.79 10.95 15.63
C GLN F 69 -9.65 12.19 15.37
N ILE F 70 -9.00 13.32 15.09
CA ILE F 70 -9.70 14.54 14.69
C ILE F 70 -10.46 14.23 13.43
N GLU F 71 -9.79 13.55 12.49
CA GLU F 71 -10.34 13.32 11.17
C GLU F 71 -11.56 12.41 11.23
N ALA F 72 -11.47 11.34 12.03
CA ALA F 72 -12.61 10.44 12.25
C ALA F 72 -13.81 11.17 12.83
N LEU F 73 -13.56 12.04 13.81
CA LEU F 73 -14.62 12.88 14.40
C LEU F 73 -15.18 13.86 13.40
N ALA F 74 -14.31 14.41 12.55
CA ALA F 74 -14.70 15.34 11.49
C ALA F 74 -15.58 14.68 10.42
N GLN F 75 -15.26 13.43 10.10
CA GLN F 75 -16.05 12.65 9.15
C GLN F 75 -17.42 12.25 9.74
N LEU F 76 -17.45 11.96 11.03
CA LEU F 76 -18.70 11.68 11.72
C LEU F 76 -19.62 12.92 11.77
N ALA F 77 -19.03 14.07 12.06
CA ALA F 77 -19.72 15.35 12.03
C ALA F 77 -20.26 15.65 10.66
N GLY F 78 -19.43 15.38 9.66
CA GLY F 78 -19.83 15.50 8.27
C GLY F 78 -21.05 14.67 7.92
N ILE F 79 -21.16 13.47 8.50
CA ILE F 79 -22.32 12.61 8.26
C ILE F 79 -23.62 13.22 8.82
N LEU F 80 -23.52 13.86 9.98
CA LEU F 80 -24.65 14.51 10.59
C LEU F 80 -25.11 15.68 9.71
N CYS F 81 -24.16 16.44 9.20
CA CYS F 81 -24.48 17.61 8.40
C CYS F 81 -25.22 17.23 7.14
N LEU F 82 -24.64 16.30 6.42
CA LEU F 82 -25.15 15.83 5.16
C LEU F 82 -26.50 15.14 5.33
N LYS F 83 -26.60 14.27 6.33
CA LYS F 83 -27.76 13.40 6.52
C LYS F 83 -28.98 14.17 7.10
N SER F 84 -28.71 15.21 7.88
CA SER F 84 -29.76 16.04 8.38
C SER F 84 -30.12 17.15 7.37
N ASP F 85 -29.39 17.19 6.25
CA ASP F 85 -29.77 17.96 5.06
C ASP F 85 -30.16 17.02 3.91
N ASN F 90 -23.84 18.63 -2.50
CA ASN F 90 -22.39 18.40 -2.63
C ASN F 90 -21.78 17.91 -1.32
N ASN F 91 -21.52 16.60 -1.26
CA ASN F 91 -20.90 15.96 -0.07
C ASN F 91 -19.43 16.30 0.15
N LEU F 92 -18.83 17.00 -0.80
CA LEU F 92 -17.50 17.57 -0.56
C LEU F 92 -17.60 18.79 0.35
N PHE F 93 -17.27 18.55 1.62
CA PHE F 93 -17.12 19.59 2.63
C PHE F 93 -15.66 19.53 3.02
N LEU F 94 -15.13 20.61 3.57
CA LEU F 94 -13.73 20.62 3.95
C LEU F 94 -13.55 21.29 5.27
N PHE F 95 -12.50 20.89 5.93
CA PHE F 95 -12.15 21.43 7.19
C PHE F 95 -11.72 22.86 6.98
N ALA F 96 -12.40 23.77 7.66
CA ALA F 96 -12.05 25.17 7.66
C ALA F 96 -11.24 25.53 8.91
N GLY F 97 -11.58 24.90 10.02
CA GLY F 97 -10.91 25.20 11.28
C GLY F 97 -11.12 24.08 12.29
N VAL F 98 -10.25 24.03 13.28
CA VAL F 98 -10.48 23.19 14.47
C VAL F 98 -9.78 23.87 15.64
N ASP F 99 -10.40 23.77 16.82
CA ASP F 99 -9.90 24.47 17.99
C ASP F 99 -10.21 23.69 19.28
N GLY F 100 -9.38 23.86 20.30
CA GLY F 100 -9.59 23.22 21.61
C GLY F 100 -9.51 21.71 21.48
N VAL F 101 -8.50 21.21 20.77
CA VAL F 101 -8.27 19.78 20.65
C VAL F 101 -7.35 19.34 21.77
N ARG F 102 -7.82 18.40 22.58
CA ARG F 102 -7.03 17.78 23.63
C ARG F 102 -7.09 16.27 23.54
N TRP F 103 -5.92 15.65 23.47
CA TRP F 103 -5.80 14.19 23.53
C TRP F 103 -5.43 13.75 24.95
N LYS F 104 -6.23 12.87 25.55
CA LYS F 104 -6.05 12.52 26.95
C LYS F 104 -5.17 11.28 27.15
N LYS F 105 -5.20 10.38 26.19
CA LYS F 105 -4.71 9.03 26.37
C LYS F 105 -4.58 8.40 24.99
N PRO F 106 -3.57 7.57 24.77
CA PRO F 106 -3.35 6.98 23.44
C PRO F 106 -4.39 5.95 23.03
N VAL F 107 -4.64 5.88 21.72
CA VAL F 107 -5.56 4.93 21.11
C VAL F 107 -4.70 3.91 20.39
N LEU F 108 -4.91 2.64 20.70
CA LEU F 108 -4.00 1.58 20.32
C LEU F 108 -4.78 0.54 19.52
N PRO F 109 -4.07 -0.31 18.78
CA PRO F 109 -4.69 -1.51 18.15
C PRO F 109 -5.45 -2.37 19.14
N GLY F 110 -6.63 -2.85 18.77
CA GLY F 110 -7.46 -3.58 19.72
C GLY F 110 -8.54 -2.75 20.34
N ASP F 111 -8.39 -1.43 20.25
CA ASP F 111 -9.38 -0.47 20.75
C ASP F 111 -10.52 -0.27 19.78
N THR F 112 -11.69 -0.02 20.34
CA THR F 112 -12.81 0.57 19.63
C THR F 112 -12.90 2.07 19.99
N LEU F 113 -12.85 2.95 19.00
CA LEU F 113 -13.00 4.37 19.25
C LEU F 113 -14.48 4.74 19.05
N THR F 114 -15.16 5.05 20.15
CA THR F 114 -16.55 5.46 20.08
C THR F 114 -16.53 6.99 20.10
N MET F 115 -17.36 7.60 19.25
CA MET F 115 -17.26 9.03 18.92
C MET F 115 -18.63 9.67 18.89
N GLN F 116 -18.75 10.89 19.42
CA GLN F 116 -19.98 11.66 19.30
C GLN F 116 -19.68 13.10 18.88
N ALA F 117 -20.50 13.63 17.98
CA ALA F 117 -20.35 15.00 17.47
C ALA F 117 -21.68 15.70 17.62
N ASN F 118 -21.60 16.96 18.03
CA ASN F 118 -22.75 17.76 18.39
C ASN F 118 -22.74 19.01 17.54
N LEU F 119 -23.85 19.28 16.86
CA LEU F 119 -23.95 20.53 16.09
C LEU F 119 -24.05 21.74 17.04
N ILE F 120 -23.08 22.64 16.97
CA ILE F 120 -23.15 23.90 17.70
C ILE F 120 -24.01 24.88 16.89
N SER F 121 -23.64 25.11 15.62
CA SER F 121 -24.41 25.98 14.74
C SER F 121 -24.24 25.68 13.26
N PHE F 122 -25.05 26.34 12.44
CA PHE F 122 -24.88 26.30 10.99
C PHE F 122 -25.40 27.60 10.36
N LYS F 123 -24.50 28.36 9.73
CA LYS F 123 -24.89 29.61 9.06
C LYS F 123 -24.97 29.37 7.54
N SER F 124 -26.21 29.40 7.04
CA SER F 124 -26.54 28.97 5.68
C SER F 124 -25.94 29.86 4.59
N SER F 125 -25.77 31.14 4.89
CA SER F 125 -25.11 32.09 3.98
C SER F 125 -23.73 31.62 3.53
N LEU F 126 -22.86 31.25 4.46
CA LEU F 126 -21.51 30.78 4.12
C LEU F 126 -21.37 29.26 4.21
N GLY F 127 -22.47 28.57 4.52
CA GLY F 127 -22.44 27.10 4.66
C GLY F 127 -21.37 26.70 5.67
N ILE F 128 -21.28 27.46 6.76
CA ILE F 128 -20.28 27.22 7.80
C ILE F 128 -20.96 26.55 8.98
N ALA F 129 -20.50 25.33 9.27
CA ALA F 129 -21.04 24.51 10.33
C ALA F 129 -20.01 24.40 11.42
N LYS F 130 -20.45 24.58 12.66
CA LYS F 130 -19.59 24.39 13.82
C LYS F 130 -20.10 23.25 14.67
N LEU F 131 -19.24 22.24 14.88
CA LEU F 131 -19.57 21.10 15.74
C LEU F 131 -18.49 20.87 16.78
N SER F 132 -18.89 20.23 17.88
CA SER F 132 -17.95 19.77 18.90
C SER F 132 -17.93 18.27 18.83
N GLY F 133 -16.91 17.68 19.44
CA GLY F 133 -16.75 16.24 19.37
C GLY F 133 -15.99 15.70 20.57
N VAL F 134 -16.34 14.48 20.97
CA VAL F 134 -15.60 13.67 21.95
C VAL F 134 -15.44 12.24 21.41
N GLY F 135 -14.30 11.63 21.72
CA GLY F 135 -14.03 10.23 21.38
C GLY F 135 -13.72 9.48 22.66
N TYR F 136 -14.28 8.27 22.81
CA TYR F 136 -14.12 7.48 24.01
C TYR F 136 -13.52 6.12 23.66
N VAL F 137 -12.72 5.60 24.59
CA VAL F 137 -12.33 4.20 24.56
C VAL F 137 -12.68 3.57 25.90
N ASN F 138 -13.53 2.55 25.85
CA ASN F 138 -13.95 1.86 27.06
C ASN F 138 -14.65 2.77 28.07
N GLY F 139 -15.53 3.63 27.55
CA GLY F 139 -16.28 4.58 28.37
C GLY F 139 -15.50 5.83 28.72
N LYS F 140 -14.18 5.79 28.56
CA LYS F 140 -13.31 6.88 28.98
C LYS F 140 -12.89 7.73 27.79
N VAL F 141 -12.94 9.04 27.98
CA VAL F 141 -12.52 10.02 27.00
C VAL F 141 -11.03 9.90 26.64
N VAL F 142 -10.77 9.79 25.35
CA VAL F 142 -9.39 9.83 24.81
C VAL F 142 -9.10 11.12 24.03
N ILE F 143 -10.14 11.75 23.50
CA ILE F 143 -9.95 13.01 22.79
C ILE F 143 -11.14 13.95 22.98
N ASN F 144 -10.84 15.23 23.13
CA ASN F 144 -11.84 16.25 23.18
C ASN F 144 -11.59 17.35 22.18
N ILE F 145 -12.62 17.72 21.43
CA ILE F 145 -12.56 18.79 20.42
C ILE F 145 -13.66 19.81 20.70
N SER F 146 -13.29 21.00 21.16
CA SER F 146 -14.30 22.00 21.48
C SER F 146 -15.04 22.46 20.23
N GLU F 147 -14.32 22.61 19.13
CA GLU F 147 -14.93 23.12 17.91
C GLU F 147 -14.21 22.72 16.64
N MET F 148 -14.96 22.04 15.76
CA MET F 148 -14.63 21.82 14.34
C MET F 148 -15.51 22.72 13.46
N THR F 149 -14.86 23.47 12.57
CA THR F 149 -15.53 24.36 11.62
C THR F 149 -15.42 23.83 10.19
N PHE F 150 -16.56 23.68 9.54
CA PHE F 150 -16.59 23.14 8.18
C PHE F 150 -17.12 24.13 7.15
N ALA F 151 -16.48 24.10 5.99
CA ALA F 151 -16.95 24.74 4.77
C ALA F 151 -17.60 23.65 3.91
N LEU F 152 -18.91 23.76 3.68
CA LEU F 152 -19.68 22.66 3.08
C LEU F 152 -19.91 22.86 1.57
CL CL G . 4.45 0.91 -20.96
AS CAC H . 18.75 -0.01 -10.19
O1 CAC H . 19.54 -0.16 -8.65
O2 CAC H . 17.24 0.85 -10.02
C1 CAC H . 19.92 0.89 -11.47
C2 CAC H . 18.42 -1.81 -10.91
S SO4 I . 16.03 -7.54 4.88
O1 SO4 I . 14.90 -7.13 4.03
O2 SO4 I . 17.32 -7.05 4.42
O3 SO4 I . 16.08 -9.01 4.91
O4 SO4 I . 15.86 -6.99 6.23
CL CL J . 18.15 4.04 -10.49
AS CAC K . 3.30 4.81 -20.67
O1 CAC K . 2.29 6.22 -20.77
O2 CAC K . 3.21 4.01 -19.12
C1 CAC K . 2.70 3.58 -22.07
C2 CAC K . 5.11 5.50 -20.95
S SO4 L . -11.17 8.21 -12.65
O1 SO4 L . -10.05 7.91 -11.75
O2 SO4 L . -12.42 7.87 -11.97
O3 SO4 L . -11.10 7.41 -13.89
O4 SO4 L . -11.13 9.63 -13.01
S SO4 M . 28.03 8.29 -23.40
O1 SO4 M . 27.28 9.55 -23.46
O2 SO4 M . 29.41 8.59 -23.04
O3 SO4 M . 27.92 7.58 -24.67
O4 SO4 M . 27.48 7.43 -22.34
CL CL N . -15.38 -15.15 1.85
AS CAC O . 0.28 -19.14 10.11
O1 CAC O . 1.89 -19.39 10.72
O2 CAC O . 0.32 -18.12 8.70
C1 CAC O . -0.48 -20.89 9.66
C2 CAC O . -0.81 -18.34 11.53
S SO4 P . 9.91 -5.43 14.20
O1 SO4 P . 8.66 -5.33 13.43
O2 SO4 P . 10.94 -4.56 13.62
O3 SO4 P . 10.44 -6.80 14.19
O4 SO4 P . 9.63 -5.05 15.58
CL CL Q . 1.06 -20.56 6.11
AS CAC R . -14.51 -15.98 -2.08
O1 CAC R . -15.56 -14.87 -2.88
O2 CAC R . -13.44 -15.12 -1.03
C1 CAC R . -15.68 -17.20 -1.09
C2 CAC R . -13.50 -17.03 -3.42
S SO4 S . -13.61 -2.74 -12.49
O1 SO4 S . -12.87 -2.77 -11.23
O2 SO4 S . -13.88 -1.36 -12.86
O3 SO4 S . -14.90 -3.40 -12.35
O4 SO4 S . -12.81 -3.40 -13.54
CL CL T . -9.59 18.44 4.67
AS CAC U . 3.42 13.55 16.20
O1 CAC U . 4.77 12.62 16.79
O2 CAC U . 2.28 12.51 15.38
C1 CAC U . 2.53 14.41 17.71
C2 CAC U . 4.11 14.94 15.01
S SO4 V . 15.12 3.01 9.45
O1 SO4 V . 13.77 2.98 8.91
O2 SO4 V . 15.80 1.78 9.02
O3 SO4 V . 15.11 3.06 10.92
O4 SO4 V . 15.81 4.18 8.91
CL CL W . 0.02 11.44 17.74
AS CAC X . -13.06 16.20 5.97
O1 CAC X . -14.01 16.50 4.52
O2 CAC X . -11.54 15.42 5.59
C1 CAC X . -12.71 17.89 6.88
C2 CAC X . -14.08 15.07 7.21
S SO4 Y . -17.83 3.76 -4.66
O1 SO4 Y . -16.75 3.22 -3.83
O2 SO4 Y . -17.80 3.12 -5.97
O3 SO4 Y . -17.68 5.21 -4.86
O4 SO4 Y . -19.12 3.50 -4.02
#